data_8I6J
#
_entry.id   8I6J
#
_cell.length_a   1.00
_cell.length_b   1.00
_cell.length_c   1.00
_cell.angle_alpha   90.00
_cell.angle_beta   90.00
_cell.angle_gamma   90.00
#
_symmetry.space_group_name_H-M   'P 1'
#
loop_
_entity.id
_entity.type
_entity.pdbx_description
1 polymer 'Phosducin-like protein 3'
2 polymer 'T-complex protein 1 subunit gamma'
3 non-polymer "ADENOSINE-5'-DIPHOSPHATE"
#
loop_
_entity_poly.entity_id
_entity_poly.type
_entity_poly.pdbx_seq_one_letter_code
_entity_poly.pdbx_strand_id
1 'polypeptide(L)'
;MQDPNADTEWNDILRKKGILPPKESLKELEEEAEEEQRILQQSVVKTYEDMTLEELEDHEDEFNEEDERAIEMYRRRRLA
EWKATKLKNKFGEVLEISGKDYVQEVTKAGEGLWVILHLYKQGIPLCALINQHLSGLARKFPDVKFIKAISTTCIPNYPD
RNLPTIFVYLEGDIKAQFIGPLVFGGMNLTRDELEWKLSESGAIMTDLEENPKKPIEDVLLSSVRRSVLMKRDSDSEGD
;
Q
2 'polypeptide(L)'
;MMGHRPVLVLSQNTKRESGRKVQSGNINAAKTIADIIRTCLGPKSMMKMLLDPMGGIVMTNDGNAILREIQVQHPAAKSM
IEISRTQDEEVGDGTTSVIILAGEMLSVAEHFLEQQMHPTVVISAYRKALDDMISTLKKISIPVDISDSDMMLNIINSSI
TTKAISRWSSLACNIALDAVKMVQFEENGRKEIDIKKYARVEKIPGGIIEDSCVLRGVMINKDVTHPRMRRYIKNPRIVL
LDSSLEYKKGESQTDIEITREEDFTRILQMEEEYIQQLCEDIIQLKPDVVITEKGISDLAQHYLMRANITAIRRVRKTDN
NRIARACGARIVSRPEELREDDVGTGAGLLEIKKIGDEYFTFITDCKDPKACTILLRGASKEILSEVERNLQDAMQVCRN
VLLDPQLVPGGGASEMAVAHALTEKSKAMTGVEQWPYRAVAQALEVIPRTLIQNCGASTIRLLTSLRAKHTQENCETWGV
NGETGTLVDMKELGIWEPLAVKLQTYKTAVETAVLLLRIDDIVSGHKKKGDDQSRQGGAPDAGQE
;
C
#
# COMPACT_ATOMS: atom_id res chain seq x y z
N PHE A 63 -32.66 -10.86 -40.23
CA PHE A 63 -33.87 -10.40 -40.90
C PHE A 63 -34.01 -8.88 -40.83
N ASN A 64 -35.19 -8.38 -41.22
CA ASN A 64 -35.38 -6.95 -41.44
C ASN A 64 -36.11 -6.23 -40.31
N GLU A 65 -36.61 -6.94 -39.30
CA GLU A 65 -37.40 -6.29 -38.26
C GLU A 65 -36.51 -5.74 -37.14
N GLU A 66 -35.75 -6.62 -36.48
CA GLU A 66 -34.99 -6.22 -35.31
C GLU A 66 -33.89 -5.22 -35.66
N ASP A 67 -33.18 -5.44 -36.78
CA ASP A 67 -32.12 -4.52 -37.17
C ASP A 67 -32.66 -3.14 -37.49
N GLU A 68 -33.78 -3.06 -38.21
CA GLU A 68 -34.37 -1.77 -38.53
C GLU A 68 -34.90 -1.10 -37.27
N ARG A 69 -35.45 -1.88 -36.34
CA ARG A 69 -35.91 -1.31 -35.08
C ARG A 69 -34.75 -0.74 -34.27
N ALA A 70 -33.62 -1.46 -34.25
CA ALA A 70 -32.43 -0.94 -33.56
C ALA A 70 -31.93 0.34 -34.22
N ILE A 71 -31.88 0.35 -35.55
CA ILE A 71 -31.43 1.54 -36.26
C ILE A 71 -32.35 2.71 -35.94
N GLU A 72 -33.66 2.47 -35.88
CA GLU A 72 -34.57 3.58 -35.64
C GLU A 72 -34.51 4.07 -34.19
N MET A 73 -34.22 3.19 -33.21
CA MET A 73 -33.99 3.76 -31.88
C MET A 73 -32.69 4.56 -31.83
N TYR A 74 -31.66 4.16 -32.58
CA TYR A 74 -30.50 5.05 -32.72
C TYR A 74 -30.87 6.39 -33.33
N ARG A 75 -31.69 6.40 -34.38
CA ARG A 75 -32.08 7.67 -34.98
C ARG A 75 -32.82 8.54 -33.95
N ARG A 76 -33.77 7.94 -33.23
CA ARG A 76 -34.53 8.70 -32.24
C ARG A 76 -33.63 9.21 -31.11
N ARG A 77 -32.72 8.37 -30.61
CA ARG A 77 -31.86 8.77 -29.52
C ARG A 77 -30.88 9.86 -29.95
N ARG A 78 -30.32 9.74 -31.16
CA ARG A 78 -29.39 10.75 -31.64
C ARG A 78 -30.10 12.07 -31.90
N LEU A 79 -31.35 12.03 -32.36
CA LEU A 79 -32.13 13.26 -32.47
C LEU A 79 -32.45 13.84 -31.09
N ALA A 80 -32.69 12.99 -30.10
CA ALA A 80 -32.94 13.46 -28.75
C ALA A 80 -31.68 14.04 -28.12
N GLU A 81 -30.51 13.60 -28.55
CA GLU A 81 -29.24 14.11 -28.06
C GLU A 81 -28.81 15.39 -28.75
N TRP A 82 -29.59 15.87 -29.72
CA TRP A 82 -29.29 17.13 -30.40
C TRP A 82 -29.49 18.34 -29.51
N LYS A 83 -30.08 18.16 -28.32
CA LYS A 83 -30.27 19.22 -27.34
C LYS A 83 -29.24 19.14 -26.23
N ALA A 84 -28.00 18.83 -26.57
CA ALA A 84 -26.94 18.61 -25.60
C ALA A 84 -26.44 19.95 -25.06
N THR A 85 -25.30 19.92 -24.37
CA THR A 85 -24.79 21.09 -23.68
C THR A 85 -24.40 22.19 -24.67
N LYS A 86 -24.00 23.34 -24.12
CA LYS A 86 -23.76 24.53 -24.91
C LYS A 86 -22.32 25.02 -24.74
N LEU A 87 -21.35 24.11 -24.87
CA LEU A 87 -19.93 24.42 -24.75
C LEU A 87 -19.60 24.99 -23.37
N LYS A 88 -19.83 24.14 -22.36
CA LYS A 88 -19.56 24.49 -20.97
C LYS A 88 -18.13 24.18 -20.54
N ASN A 89 -17.30 23.66 -21.43
CA ASN A 89 -15.93 23.25 -21.10
C ASN A 89 -14.91 24.34 -21.34
N LYS A 90 -15.30 25.61 -21.19
CA LYS A 90 -14.36 26.71 -21.39
C LYS A 90 -13.22 26.64 -20.39
N PHE A 91 -13.53 26.36 -19.12
CA PHE A 91 -12.53 26.33 -18.08
C PHE A 91 -11.71 25.03 -18.18
N GLY A 92 -10.84 24.80 -17.20
CA GLY A 92 -9.96 23.65 -17.22
C GLY A 92 -8.60 23.96 -16.67
N GLU A 93 -8.35 25.24 -16.39
CA GLU A 93 -7.08 25.69 -15.84
C GLU A 93 -7.35 26.56 -14.61
N VAL A 94 -6.28 26.92 -13.92
CA VAL A 94 -6.39 27.75 -12.73
C VAL A 94 -6.59 29.20 -13.13
N LEU A 95 -7.50 29.89 -12.44
CA LEU A 95 -7.81 31.28 -12.68
C LEU A 95 -7.56 32.08 -11.40
N GLU A 96 -7.13 33.32 -11.55
CA GLU A 96 -6.80 34.17 -10.42
C GLU A 96 -7.52 35.50 -10.55
N ILE A 97 -8.11 35.96 -9.44
CA ILE A 97 -8.69 37.29 -9.35
C ILE A 97 -8.22 37.92 -8.04
N SER A 98 -8.12 39.24 -8.02
CA SER A 98 -7.62 39.93 -6.84
C SER A 98 -8.30 41.25 -6.53
N GLY A 99 -9.29 41.66 -7.30
CA GLY A 99 -9.88 42.98 -7.17
C GLY A 99 -11.16 42.98 -6.36
N LYS A 100 -12.12 43.79 -6.80
CA LYS A 100 -13.43 43.92 -6.16
C LYS A 100 -14.47 43.07 -6.88
N ASP A 101 -14.05 41.89 -7.34
CA ASP A 101 -14.84 41.00 -8.19
C ASP A 101 -15.48 39.89 -7.37
N TYR A 102 -15.95 40.24 -6.17
CA TYR A 102 -16.36 39.30 -5.13
C TYR A 102 -17.30 38.17 -5.55
N VAL A 103 -18.53 38.47 -5.93
CA VAL A 103 -19.52 37.40 -6.13
C VAL A 103 -20.17 37.51 -7.50
N GLN A 104 -19.93 38.63 -8.19
CA GLN A 104 -20.56 38.84 -9.49
C GLN A 104 -19.99 37.93 -10.58
N GLU A 105 -18.90 37.22 -10.30
CA GLU A 105 -18.28 36.33 -11.27
C GLU A 105 -18.47 34.86 -10.92
N VAL A 106 -18.26 34.49 -9.65
CA VAL A 106 -18.38 33.09 -9.26
C VAL A 106 -19.85 32.63 -9.35
N THR A 107 -20.77 33.46 -8.88
CA THR A 107 -22.18 33.07 -8.89
C THR A 107 -22.77 33.15 -10.31
N LYS A 108 -22.40 34.18 -11.06
CA LYS A 108 -22.97 34.41 -12.39
C LYS A 108 -22.35 33.43 -13.38
N ALA A 109 -22.94 32.25 -13.48
CA ALA A 109 -22.49 31.22 -14.40
C ALA A 109 -23.64 30.24 -14.61
N GLY A 110 -23.35 29.14 -15.32
CA GLY A 110 -24.37 28.13 -15.54
C GLY A 110 -24.70 27.36 -14.29
N GLU A 111 -25.85 26.68 -14.33
CA GLU A 111 -26.30 25.93 -13.16
C GLU A 111 -25.51 24.64 -12.98
N GLY A 112 -25.05 24.03 -14.07
CA GLY A 112 -24.36 22.76 -13.97
C GLY A 112 -22.85 22.89 -13.85
N LEU A 113 -22.39 23.74 -12.93
CA LEU A 113 -20.97 23.95 -12.70
C LEU A 113 -20.55 23.32 -11.37
N TRP A 114 -19.25 23.40 -11.11
CA TRP A 114 -18.66 22.77 -9.92
C TRP A 114 -17.46 23.64 -9.54
N VAL A 115 -17.68 24.57 -8.60
CA VAL A 115 -16.71 25.61 -8.30
C VAL A 115 -15.94 25.27 -7.04
N ILE A 116 -14.82 25.95 -6.83
CA ILE A 116 -14.01 25.84 -5.62
C ILE A 116 -13.29 27.17 -5.41
N LEU A 117 -13.48 27.80 -4.26
CA LEU A 117 -12.84 29.08 -4.02
C LEU A 117 -11.68 28.87 -3.05
N HIS A 118 -10.91 29.93 -2.77
CA HIS A 118 -9.76 29.84 -1.87
C HIS A 118 -9.38 31.22 -1.35
N LEU A 119 -9.22 31.34 -0.03
CA LEU A 119 -8.76 32.58 0.59
C LEU A 119 -7.56 32.28 1.47
N TYR A 120 -6.51 33.08 1.32
CA TYR A 120 -5.24 32.84 1.99
C TYR A 120 -4.55 34.18 2.22
N LYS A 121 -3.27 34.13 2.62
CA LYS A 121 -2.50 35.33 2.91
C LYS A 121 -1.18 35.42 2.15
N GLN A 122 -0.67 34.30 1.61
CA GLN A 122 0.54 34.18 0.79
C GLN A 122 1.79 34.24 1.67
N GLY A 123 1.66 34.51 2.96
CA GLY A 123 2.82 34.56 3.84
C GLY A 123 3.14 33.23 4.50
N ILE A 124 2.14 32.58 5.08
CA ILE A 124 2.32 31.34 5.84
C ILE A 124 2.55 30.18 4.87
N PRO A 125 3.54 29.29 5.15
CA PRO A 125 3.86 28.17 4.25
C PRO A 125 2.91 26.98 4.36
N LEU A 126 1.60 27.26 4.40
CA LEU A 126 0.58 26.25 4.18
C LEU A 126 -0.34 26.60 3.03
N CYS A 127 -0.41 27.86 2.65
CA CYS A 127 -1.13 28.29 1.45
C CYS A 127 -0.25 28.25 0.21
N ALA A 128 1.01 27.83 0.34
CA ALA A 128 1.88 27.58 -0.79
C ALA A 128 1.95 26.11 -1.17
N LEU A 129 1.77 25.21 -0.21
CA LEU A 129 1.70 23.79 -0.53
C LEU A 129 0.39 23.43 -1.19
N ILE A 130 -0.72 24.03 -0.71
CA ILE A 130 -2.04 23.67 -1.22
C ILE A 130 -2.23 24.13 -2.66
N ASN A 131 -1.51 25.16 -3.10
CA ASN A 131 -1.69 25.66 -4.46
C ASN A 131 -1.22 24.64 -5.49
N GLN A 132 -0.11 23.95 -5.22
CA GLN A 132 0.36 22.91 -6.14
C GLN A 132 -0.68 21.79 -6.27
N HIS A 133 -1.24 21.34 -5.15
CA HIS A 133 -2.27 20.31 -5.20
C HIS A 133 -3.49 20.79 -5.96
N LEU A 134 -3.91 22.03 -5.72
CA LEU A 134 -5.11 22.55 -6.36
C LEU A 134 -4.89 22.67 -7.87
N SER A 135 -3.70 23.12 -8.30
CA SER A 135 -3.41 23.17 -9.72
C SER A 135 -3.35 21.78 -10.34
N GLY A 136 -2.77 20.82 -9.62
CA GLY A 136 -2.74 19.46 -10.13
C GLY A 136 -4.12 18.88 -10.32
N LEU A 137 -5.04 19.18 -9.40
CA LEU A 137 -6.43 18.79 -9.59
C LEU A 137 -7.07 19.56 -10.74
N ALA A 138 -6.66 20.82 -10.94
CA ALA A 138 -7.21 21.60 -12.05
C ALA A 138 -6.86 20.97 -13.39
N ARG A 139 -5.62 20.51 -13.55
CA ARG A 139 -5.24 19.89 -14.81
C ARG A 139 -6.04 18.62 -15.07
N LYS A 140 -6.22 17.79 -14.04
CA LYS A 140 -6.87 16.50 -14.24
C LYS A 140 -8.36 16.66 -14.56
N PHE A 141 -9.05 17.55 -13.86
CA PHE A 141 -10.49 17.71 -14.05
C PHE A 141 -10.76 18.98 -14.84
N PRO A 142 -11.24 18.90 -16.08
CA PRO A 142 -11.46 20.12 -16.87
C PRO A 142 -12.81 20.77 -16.61
N ASP A 143 -13.79 19.98 -16.18
CA ASP A 143 -15.15 20.47 -16.02
C ASP A 143 -15.42 20.98 -14.61
N VAL A 144 -14.55 21.88 -14.11
CA VAL A 144 -14.72 22.51 -12.81
C VAL A 144 -14.24 23.95 -12.90
N LYS A 145 -14.65 24.75 -11.92
CA LYS A 145 -14.21 26.14 -11.82
C LYS A 145 -13.34 26.31 -10.59
N PHE A 146 -12.20 26.97 -10.76
CA PHE A 146 -11.25 27.21 -9.68
C PHE A 146 -10.91 28.69 -9.62
N ILE A 147 -10.91 29.26 -8.42
CA ILE A 147 -10.70 30.69 -8.21
C ILE A 147 -9.67 30.84 -7.11
N LYS A 148 -8.98 31.99 -7.11
CA LYS A 148 -8.09 32.37 -6.03
C LYS A 148 -8.30 33.84 -5.70
N ALA A 149 -7.94 34.20 -4.47
CA ALA A 149 -8.07 35.58 -4.01
C ALA A 149 -7.15 35.76 -2.82
N ILE A 150 -6.90 37.02 -2.46
CA ILE A 150 -6.01 37.33 -1.34
C ILE A 150 -6.81 38.19 -0.36
N SER A 151 -7.54 37.53 0.54
CA SER A 151 -7.95 38.07 1.83
C SER A 151 -8.77 39.35 1.78
N THR A 152 -9.08 39.88 0.60
CA THR A 152 -9.72 41.17 0.52
C THR A 152 -10.82 41.29 -0.52
N THR A 153 -11.09 40.26 -1.32
CA THR A 153 -12.16 40.36 -2.31
C THR A 153 -13.52 40.49 -1.63
N CYS A 154 -13.81 39.60 -0.69
CA CYS A 154 -14.94 39.72 0.20
C CYS A 154 -14.44 39.68 1.63
N ILE A 155 -15.33 39.94 2.57
CA ILE A 155 -15.00 39.94 4.00
C ILE A 155 -13.84 40.89 4.21
N PRO A 156 -14.08 42.21 4.24
CA PRO A 156 -12.95 43.16 4.27
C PRO A 156 -11.99 42.94 5.43
N ASN A 157 -12.50 42.56 6.60
CA ASN A 157 -11.66 42.23 7.75
C ASN A 157 -11.76 40.74 8.06
N TYR A 158 -10.61 40.09 8.18
CA TYR A 158 -10.60 38.64 8.36
C TYR A 158 -9.49 38.23 9.31
N PRO A 159 -9.80 37.52 10.39
CA PRO A 159 -8.78 37.16 11.38
C PRO A 159 -7.80 36.13 10.83
N ASP A 160 -6.60 36.14 11.41
CA ASP A 160 -5.56 35.21 11.01
C ASP A 160 -5.69 33.85 11.68
N ARG A 161 -6.67 33.67 12.55
CA ARG A 161 -6.80 32.40 13.27
C ARG A 161 -7.07 31.24 12.32
N ASN A 162 -7.95 31.45 11.33
CA ASN A 162 -8.29 30.43 10.35
C ASN A 162 -7.96 30.99 8.96
N LEU A 163 -6.70 30.85 8.57
CA LEU A 163 -6.26 31.46 7.31
C LEU A 163 -6.71 30.68 6.09
N PRO A 164 -6.29 29.42 5.89
CA PRO A 164 -6.60 28.76 4.61
C PRO A 164 -8.05 28.34 4.52
N THR A 165 -8.86 29.09 3.78
CA THR A 165 -10.30 28.86 3.71
C THR A 165 -10.67 28.41 2.31
N ILE A 166 -11.11 27.16 2.19
CA ILE A 166 -11.45 26.56 0.91
C ILE A 166 -12.86 26.01 1.01
N PHE A 167 -13.72 26.39 0.06
CA PHE A 167 -15.10 25.91 0.09
C PHE A 167 -15.73 25.98 -1.28
N VAL A 168 -16.84 25.25 -1.41
CA VAL A 168 -17.55 25.04 -2.66
C VAL A 168 -18.88 25.78 -2.60
N TYR A 169 -19.03 26.78 -3.47
CA TYR A 169 -20.34 27.35 -3.73
C TYR A 169 -21.20 26.41 -4.55
N LEU A 170 -22.50 26.48 -4.31
CA LEU A 170 -23.52 26.07 -5.26
C LEU A 170 -24.44 27.26 -5.48
N GLU A 171 -25.23 27.20 -6.54
CA GLU A 171 -25.99 28.38 -6.94
C GLU A 171 -27.11 28.67 -5.94
N GLY A 172 -26.84 29.52 -4.96
CA GLY A 172 -27.81 29.89 -3.96
C GLY A 172 -27.63 29.24 -2.61
N ASP A 173 -26.74 28.26 -2.48
CA ASP A 173 -26.59 27.54 -1.21
C ASP A 173 -25.18 26.95 -1.15
N ILE A 174 -24.35 27.51 -0.27
CA ILE A 174 -22.97 27.03 -0.14
C ILE A 174 -22.96 25.67 0.57
N LYS A 175 -21.95 24.87 0.23
CA LYS A 175 -21.78 23.53 0.79
C LYS A 175 -20.33 23.32 1.21
N ALA A 176 -20.13 22.32 2.07
CA ALA A 176 -18.82 21.79 2.41
C ALA A 176 -17.85 22.90 2.81
N GLN A 177 -18.20 23.61 3.88
CA GLN A 177 -17.33 24.65 4.41
C GLN A 177 -16.13 24.01 5.09
N PHE A 178 -14.93 24.37 4.65
CA PHE A 178 -13.69 23.92 5.28
C PHE A 178 -12.99 25.12 5.89
N ILE A 179 -12.73 25.06 7.19
CA ILE A 179 -12.22 26.19 7.94
C ILE A 179 -11.10 25.72 8.87
N GLY A 180 -10.04 26.51 8.97
CA GLY A 180 -9.00 26.29 9.95
C GLY A 180 -7.96 25.29 9.50
N PRO A 181 -6.75 25.41 10.05
CA PRO A 181 -5.68 24.49 9.64
C PRO A 181 -5.77 23.11 10.27
N LEU A 182 -6.66 22.91 11.25
CA LEU A 182 -6.72 21.61 11.92
C LEU A 182 -7.36 20.54 11.06
N VAL A 183 -8.28 20.94 10.16
CA VAL A 183 -8.95 19.95 9.32
C VAL A 183 -7.97 19.33 8.33
N PHE A 184 -7.05 20.13 7.80
CA PHE A 184 -6.07 19.63 6.85
C PHE A 184 -5.01 18.76 7.52
N GLY A 185 -4.82 18.89 8.83
CA GLY A 185 -3.66 18.30 9.46
C GLY A 185 -2.54 19.31 9.56
N GLY A 186 -1.62 19.27 8.61
CA GLY A 186 -0.54 20.25 8.56
C GLY A 186 0.79 19.63 8.20
N MET A 187 1.45 20.18 7.17
CA MET A 187 2.73 19.68 6.66
C MET A 187 2.65 18.20 6.29
N ASN A 188 1.45 17.69 6.06
CA ASN A 188 1.28 16.28 5.71
C ASN A 188 0.23 16.08 4.63
N LEU A 189 -0.29 17.14 4.03
CA LEU A 189 -1.31 17.00 3.00
C LEU A 189 -0.69 16.40 1.74
N THR A 190 -0.81 15.08 1.60
CA THR A 190 -0.60 14.44 0.32
C THR A 190 -1.87 14.65 -0.50
N ARG A 191 -1.71 14.63 -1.83
CA ARG A 191 -2.82 15.01 -2.70
C ARG A 191 -4.02 14.10 -2.49
N ASP A 192 -3.77 12.79 -2.31
CA ASP A 192 -4.86 11.82 -2.25
C ASP A 192 -5.89 12.18 -1.20
N GLU A 193 -5.44 12.62 -0.02
CA GLU A 193 -6.37 13.10 1.00
C GLU A 193 -7.18 14.28 0.47
N LEU A 194 -6.59 15.10 -0.39
CA LEU A 194 -7.32 16.25 -0.91
C LEU A 194 -8.42 15.81 -1.87
N GLU A 195 -8.13 14.87 -2.78
CA GLU A 195 -9.24 14.35 -3.59
C GLU A 195 -10.29 13.67 -2.73
N TRP A 196 -9.87 12.94 -1.69
CA TRP A 196 -10.85 12.27 -0.84
C TRP A 196 -11.78 13.28 -0.17
N LYS A 197 -11.21 14.32 0.45
CA LYS A 197 -12.02 15.32 1.14
C LYS A 197 -12.91 16.08 0.17
N LEU A 198 -12.41 16.37 -1.03
CA LEU A 198 -13.24 17.08 -2.00
C LEU A 198 -14.30 16.17 -2.60
N SER A 199 -14.05 14.87 -2.66
CA SER A 199 -14.95 13.92 -3.28
C SER A 199 -15.93 13.30 -2.30
N GLU A 200 -15.82 13.61 -1.01
CA GLU A 200 -16.85 13.18 -0.08
C GLU A 200 -18.22 13.77 -0.43
N SER A 201 -18.26 14.82 -1.23
CA SER A 201 -19.49 15.42 -1.73
C SER A 201 -19.32 15.68 -3.22
N GLY A 202 -19.62 14.66 -4.05
CA GLY A 202 -19.55 14.80 -5.49
C GLY A 202 -18.15 14.81 -6.04
N ALA A 203 -18.01 14.70 -7.37
CA ALA A 203 -16.72 14.73 -8.06
C ALA A 203 -15.78 13.63 -7.54
N ILE A 204 -16.20 12.39 -7.78
CA ILE A 204 -15.44 11.21 -7.35
C ILE A 204 -14.83 10.56 -8.59
N MET A 205 -13.58 10.13 -8.46
CA MET A 205 -12.83 9.61 -9.61
C MET A 205 -12.48 8.13 -9.45
N THR A 206 -11.88 7.72 -8.34
CA THR A 206 -11.83 6.31 -7.94
C THR A 206 -11.25 6.24 -6.52
N ASP A 207 -11.00 5.00 -6.07
CA ASP A 207 -10.24 4.68 -4.87
C ASP A 207 -10.98 5.00 -3.58
N LEU A 208 -10.62 4.31 -2.50
CA LEU A 208 -11.25 4.49 -1.20
C LEU A 208 -10.32 3.99 -0.12
N GLU A 209 -10.51 4.52 1.09
CA GLU A 209 -9.76 4.11 2.28
C GLU A 209 -8.25 4.28 2.08
N GLU A 210 -7.84 5.49 1.69
CA GLU A 210 -6.44 5.79 1.45
C GLU A 210 -5.85 6.71 2.51
N ASN A 211 -6.54 6.90 3.64
CA ASN A 211 -6.07 7.75 4.73
C ASN A 211 -6.16 7.01 6.06
N PRO A 212 -5.30 6.00 6.27
CA PRO A 212 -5.29 5.32 7.57
C PRO A 212 -4.63 6.14 8.67
N LYS A 213 -4.02 7.27 8.34
CA LYS A 213 -3.31 8.07 9.33
C LYS A 213 -4.24 8.78 10.30
N LYS A 214 -5.50 8.97 9.93
CA LYS A 214 -6.48 9.57 10.84
C LYS A 214 -7.02 8.54 11.84
N PRO A 215 -7.45 7.34 11.41
CA PRO A 215 -7.93 6.38 12.42
C PRO A 215 -6.81 5.62 13.13
N ILE A 216 -6.24 6.27 14.15
CA ILE A 216 -5.32 5.58 15.04
C ILE A 216 -6.12 4.64 15.94
N GLU A 217 -5.53 3.50 16.25
CA GLU A 217 -6.22 2.52 17.08
C GLU A 217 -5.96 2.81 18.55
N ASP A 218 -7.03 2.77 19.35
CA ASP A 218 -6.92 2.84 20.80
C ASP A 218 -6.98 1.42 21.35
N VAL A 219 -5.92 1.03 22.06
CA VAL A 219 -5.76 -0.38 22.43
C VAL A 219 -6.85 -0.81 23.41
N LEU A 220 -7.05 -0.03 24.48
CA LEU A 220 -7.91 -0.47 25.57
C LEU A 220 -9.38 -0.55 25.15
N LEU A 221 -9.88 0.53 24.52
CA LEU A 221 -11.29 0.55 24.14
C LEU A 221 -11.60 -0.50 23.08
N SER A 222 -10.72 -0.64 22.09
CA SER A 222 -10.91 -1.66 21.06
C SER A 222 -10.86 -3.06 21.66
N SER A 223 -9.95 -3.29 22.61
CA SER A 223 -9.87 -4.59 23.26
C SER A 223 -11.14 -4.89 24.03
N VAL A 224 -11.67 -3.90 24.75
CA VAL A 224 -12.92 -4.12 25.49
C VAL A 224 -14.07 -4.42 24.54
N ARG A 225 -14.15 -3.68 23.43
CA ARG A 225 -15.20 -3.94 22.45
C ARG A 225 -15.09 -5.33 21.86
N ARG A 226 -13.86 -5.75 21.50
CA ARG A 226 -13.67 -7.08 20.93
C ARG A 226 -14.04 -8.16 21.95
N SER A 227 -13.65 -7.97 23.21
CA SER A 227 -13.97 -8.96 24.24
C SER A 227 -15.47 -9.06 24.46
N VAL A 228 -16.17 -7.92 24.48
CA VAL A 228 -17.60 -7.95 24.74
C VAL A 228 -18.40 -8.39 23.52
N LEU A 229 -17.84 -8.29 22.32
CA LEU A 229 -18.57 -8.67 21.12
C LEU A 229 -18.32 -10.13 20.72
N MET A 230 -17.08 -10.61 20.89
CA MET A 230 -16.74 -11.94 20.40
C MET A 230 -17.52 -13.04 21.13
N LYS A 231 -17.64 -12.92 22.46
CA LYS A 231 -18.28 -13.94 23.27
C LYS A 231 -19.70 -13.57 23.67
N ARG A 232 -20.27 -12.54 23.06
CA ARG A 232 -21.64 -12.13 23.38
C ARG A 232 -22.64 -13.18 22.92
N ARG B 20 31.77 22.44 11.87
CA ARG B 20 31.93 21.53 13.01
C ARG B 20 30.68 21.48 13.88
N LYS B 21 30.13 22.64 14.19
CA LYS B 21 28.95 22.71 15.04
C LYS B 21 27.68 22.22 14.33
N VAL B 22 27.73 22.02 13.02
CA VAL B 22 26.57 21.51 12.30
C VAL B 22 26.25 20.08 12.73
N GLN B 23 27.27 19.23 12.79
CA GLN B 23 27.06 17.85 13.20
C GLN B 23 26.57 17.76 14.63
N SER B 24 27.17 18.54 15.53
CA SER B 24 26.75 18.54 16.93
C SER B 24 25.35 19.09 17.12
N GLY B 25 24.85 19.86 16.16
CA GLY B 25 23.49 20.35 16.21
C GLY B 25 22.50 19.37 15.63
N ASN B 26 22.89 18.71 14.55
CA ASN B 26 22.00 17.75 13.89
C ASN B 26 21.88 16.44 14.67
N ILE B 27 22.91 16.08 15.45
CA ILE B 27 22.86 14.83 16.19
C ILE B 27 21.79 14.86 17.27
N ASN B 28 21.47 16.05 17.80
CA ASN B 28 20.48 16.16 18.87
C ASN B 28 19.10 15.74 18.40
N ALA B 29 18.70 16.20 17.21
CA ALA B 29 17.39 15.82 16.67
C ALA B 29 17.32 14.32 16.44
N ALA B 30 18.39 13.73 15.90
CA ALA B 30 18.41 12.29 15.66
C ALA B 30 18.25 11.52 16.97
N LYS B 31 19.01 11.91 18.00
CA LYS B 31 18.93 11.15 19.25
C LYS B 31 17.59 11.36 19.94
N THR B 32 17.00 12.55 19.85
CA THR B 32 15.72 12.76 20.51
C THR B 32 14.59 12.03 19.79
N ILE B 33 14.65 11.95 18.46
CA ILE B 33 13.63 11.16 17.74
C ILE B 33 13.82 9.68 18.04
N ALA B 34 15.07 9.22 18.15
CA ALA B 34 15.31 7.83 18.55
C ALA B 34 14.78 7.57 19.95
N ASP B 35 14.91 8.53 20.86
CA ASP B 35 14.41 8.37 22.22
C ASP B 35 12.91 8.60 22.33
N ILE B 36 12.25 9.07 21.28
CA ILE B 36 10.80 9.18 21.31
C ILE B 36 10.16 7.84 21.62
N ILE B 37 10.58 6.79 20.93
CA ILE B 37 10.16 5.42 21.22
C ILE B 37 11.39 4.54 21.35
N ARG B 38 11.57 3.95 22.53
CA ARG B 38 12.68 3.02 22.75
C ARG B 38 12.30 1.78 23.53
N THR B 39 11.24 1.79 24.33
CA THR B 39 10.87 0.67 25.17
C THR B 39 9.75 -0.17 24.59
N CYS B 40 9.42 0.02 23.32
CA CYS B 40 8.38 -0.75 22.65
C CYS B 40 8.90 -2.03 22.03
N LEU B 41 10.19 -2.32 22.16
CA LEU B 41 10.80 -3.50 21.56
C LEU B 41 10.63 -4.71 22.47
N GLY B 42 10.48 -5.88 21.84
CA GLY B 42 10.39 -7.13 22.56
C GLY B 42 8.96 -7.48 22.95
N PRO B 43 8.77 -8.69 23.50
CA PRO B 43 7.43 -9.10 23.94
C PRO B 43 6.82 -8.15 24.95
N LYS B 44 7.53 -7.93 26.06
CA LYS B 44 7.06 -7.01 27.10
C LYS B 44 7.40 -5.59 26.68
N SER B 45 6.39 -4.72 26.60
CA SER B 45 6.61 -3.36 26.17
C SER B 45 5.60 -2.45 26.86
N MET B 46 5.95 -1.16 26.92
CA MET B 46 5.10 -0.16 27.53
C MET B 46 4.22 0.49 26.47
N MET B 47 3.38 1.43 26.90
CA MET B 47 2.47 2.14 26.01
C MET B 47 2.58 3.64 26.26
N LYS B 48 2.29 4.42 25.23
CA LYS B 48 2.45 5.86 25.26
C LYS B 48 1.13 6.55 24.96
N MET B 49 1.06 7.84 25.28
CA MET B 49 -0.16 8.62 25.18
C MET B 49 0.10 9.90 24.40
N LEU B 50 -0.81 10.23 23.48
CA LEU B 50 -0.76 11.47 22.74
C LEU B 50 -1.96 12.32 23.10
N LEU B 51 -1.78 13.64 23.10
CA LEU B 51 -2.79 14.58 23.59
C LEU B 51 -3.11 15.58 22.50
N ASP B 52 -4.32 15.50 21.96
CA ASP B 52 -4.74 16.43 20.91
C ASP B 52 -4.89 17.83 21.48
N PRO B 53 -4.75 18.87 20.64
CA PRO B 53 -4.88 20.24 21.16
C PRO B 53 -6.23 20.55 21.76
N MET B 54 -7.31 19.96 21.25
CA MET B 54 -8.63 20.24 21.81
C MET B 54 -8.80 19.60 23.17
N GLY B 55 -8.24 18.40 23.38
CA GLY B 55 -8.36 17.72 24.65
C GLY B 55 -8.52 16.22 24.53
N GLY B 56 -8.60 15.71 23.30
CA GLY B 56 -8.76 14.29 23.11
C GLY B 56 -7.51 13.51 23.51
N ILE B 57 -7.70 12.22 23.77
CA ILE B 57 -6.64 11.34 24.24
C ILE B 57 -6.68 10.04 23.46
N VAL B 58 -5.52 9.64 22.92
CA VAL B 58 -5.34 8.36 22.24
C VAL B 58 -4.11 7.68 22.83
N MET B 59 -4.25 6.42 23.21
CA MET B 59 -3.18 5.66 23.84
C MET B 59 -2.72 4.58 22.86
N THR B 60 -1.60 4.84 22.19
CA THR B 60 -1.15 4.02 21.06
C THR B 60 0.07 3.20 21.46
N ASN B 61 0.15 1.99 20.90
CA ASN B 61 1.25 1.08 21.14
C ASN B 61 2.20 0.92 19.96
N ASP B 62 1.70 1.04 18.73
CA ASP B 62 2.55 0.85 17.56
C ASP B 62 3.62 1.93 17.49
N GLY B 63 4.84 1.53 17.16
CA GLY B 63 5.88 2.51 16.88
C GLY B 63 5.60 3.29 15.61
N ASN B 64 5.00 2.63 14.62
CA ASN B 64 4.71 3.31 13.35
C ASN B 64 3.73 4.45 13.55
N ALA B 65 2.69 4.25 14.35
CA ALA B 65 1.70 5.31 14.54
C ALA B 65 2.33 6.53 15.19
N ILE B 66 3.18 6.32 16.19
CA ILE B 66 3.82 7.46 16.84
C ILE B 66 4.78 8.16 15.89
N LEU B 67 5.65 7.40 15.22
CA LEU B 67 6.60 8.04 14.31
C LEU B 67 5.99 8.42 12.98
N ARG B 68 4.66 8.36 12.85
CA ARG B 68 3.99 8.93 11.70
C ARG B 68 3.15 10.15 12.05
N GLU B 69 2.82 10.35 13.34
CA GLU B 69 1.92 11.42 13.74
C GLU B 69 2.66 12.71 14.06
N ILE B 70 3.60 12.66 15.01
CA ILE B 70 4.31 13.88 15.40
C ILE B 70 5.10 14.40 14.21
N GLN B 71 5.03 15.70 13.98
CA GLN B 71 5.81 16.36 12.93
C GLN B 71 6.91 17.19 13.56
N VAL B 72 8.07 17.20 12.89
CA VAL B 72 9.25 17.88 13.40
C VAL B 72 9.70 18.95 12.39
N GLN B 73 10.80 19.63 12.68
CA GLN B 73 11.22 20.76 11.87
C GLN B 73 12.55 20.53 11.17
N HIS B 74 13.61 20.19 11.90
CA HIS B 74 14.93 20.12 11.28
C HIS B 74 14.92 19.10 10.15
N PRO B 75 15.55 19.40 9.01
CA PRO B 75 15.46 18.50 7.86
C PRO B 75 16.02 17.11 8.12
N ALA B 76 17.06 17.00 8.94
CA ALA B 76 17.64 15.69 9.23
C ALA B 76 16.62 14.78 9.89
N ALA B 77 15.84 15.32 10.84
CA ALA B 77 14.82 14.52 11.49
C ALA B 77 13.78 14.05 10.49
N LYS B 78 13.40 14.91 9.55
CA LYS B 78 12.41 14.51 8.56
C LYS B 78 12.94 13.37 7.70
N SER B 79 14.19 13.47 7.24
CA SER B 79 14.75 12.41 6.42
C SER B 79 14.83 11.10 7.19
N MET B 80 15.27 11.16 8.44
CA MET B 80 15.46 9.95 9.22
C MET B 80 14.14 9.33 9.63
N ILE B 81 13.06 10.11 9.73
CA ILE B 81 11.74 9.51 9.87
C ILE B 81 11.31 8.83 8.58
N GLU B 82 11.53 9.50 7.43
CA GLU B 82 11.07 8.94 6.16
C GLU B 82 11.75 7.62 5.84
N ILE B 83 12.99 7.45 6.29
CA ILE B 83 13.72 6.20 6.04
C ILE B 83 12.94 5.00 6.59
N SER B 84 12.35 5.15 7.78
CA SER B 84 11.66 4.05 8.42
C SER B 84 10.49 3.55 7.57
N ARG B 85 9.61 4.47 7.15
CA ARG B 85 8.46 4.07 6.34
C ARG B 85 8.90 3.53 5.00
N THR B 86 9.92 4.14 4.39
CA THR B 86 10.39 3.62 3.10
C THR B 86 10.87 2.18 3.22
N GLN B 87 11.60 1.87 4.29
CA GLN B 87 12.05 0.49 4.50
C GLN B 87 10.87 -0.44 4.80
N ASP B 88 9.91 0.02 5.61
CA ASP B 88 8.77 -0.82 5.93
C ASP B 88 7.90 -1.11 4.70
N GLU B 89 7.99 -0.28 3.66
CA GLU B 89 7.17 -0.51 2.48
C GLU B 89 7.52 -1.83 1.80
N GLU B 90 8.77 -2.26 1.89
CA GLU B 90 9.25 -3.42 1.13
C GLU B 90 9.36 -4.68 1.97
N VAL B 91 10.21 -4.67 3.01
CA VAL B 91 10.46 -5.89 3.78
C VAL B 91 9.24 -6.30 4.57
N GLY B 92 8.67 -5.35 5.32
CA GLY B 92 7.48 -5.63 6.10
C GLY B 92 7.71 -6.32 7.43
N ASP B 93 8.96 -6.40 7.89
CA ASP B 93 9.24 -7.11 9.15
C ASP B 93 9.80 -6.20 10.22
N GLY B 94 10.93 -5.53 9.99
CA GLY B 94 11.58 -4.77 11.04
C GLY B 94 11.70 -3.29 10.78
N THR B 95 11.14 -2.47 11.66
CA THR B 95 11.12 -1.02 11.49
C THR B 95 11.92 -0.27 12.55
N THR B 96 11.62 -0.49 13.83
CA THR B 96 12.22 0.30 14.89
C THR B 96 13.63 -0.14 15.24
N SER B 97 14.01 -1.38 14.91
CA SER B 97 15.33 -1.87 15.28
C SER B 97 16.43 -1.06 14.61
N VAL B 98 16.26 -0.73 13.33
CA VAL B 98 17.27 0.05 12.62
C VAL B 98 17.36 1.46 13.21
N ILE B 99 16.22 2.04 13.60
CA ILE B 99 16.23 3.37 14.20
C ILE B 99 17.01 3.34 15.52
N ILE B 100 16.73 2.36 16.36
CA ILE B 100 17.40 2.26 17.65
C ILE B 100 18.90 2.04 17.46
N LEU B 101 19.27 1.14 16.54
CA LEU B 101 20.67 0.85 16.32
C LEU B 101 21.42 2.08 15.79
N ALA B 102 20.81 2.78 14.83
CA ALA B 102 21.46 3.97 14.29
C ALA B 102 21.62 5.04 15.35
N GLY B 103 20.59 5.27 16.16
CA GLY B 103 20.70 6.26 17.22
C GLY B 103 21.76 5.91 18.24
N GLU B 104 21.80 4.64 18.66
CA GLU B 104 22.79 4.22 19.64
C GLU B 104 24.21 4.35 19.10
N MET B 105 24.41 3.97 17.84
CA MET B 105 25.74 4.10 17.24
C MET B 105 26.14 5.56 17.12
N LEU B 106 25.21 6.41 16.69
CA LEU B 106 25.51 7.82 16.48
C LEU B 106 25.81 8.55 17.79
N SER B 107 25.10 8.20 18.86
CA SER B 107 25.13 9.03 20.07
C SER B 107 26.51 9.02 20.74
N VAL B 108 27.07 7.84 20.99
CA VAL B 108 28.20 7.74 21.91
C VAL B 108 29.41 7.09 21.26
N ALA B 109 29.59 7.29 19.96
CA ALA B 109 30.75 6.72 19.27
C ALA B 109 31.64 7.76 18.63
N GLU B 110 31.08 8.72 17.91
CA GLU B 110 31.86 9.60 17.06
C GLU B 110 32.26 10.92 17.70
N HIS B 111 31.79 11.23 18.92
CA HIS B 111 32.02 12.58 19.44
C HIS B 111 33.46 12.75 19.92
N PHE B 112 34.05 11.70 20.52
CA PHE B 112 35.50 11.72 20.72
C PHE B 112 36.24 11.95 19.41
N LEU B 113 35.95 11.14 18.39
CA LEU B 113 36.69 11.21 17.14
C LEU B 113 36.54 12.57 16.48
N GLU B 114 35.42 13.24 16.70
CA GLU B 114 35.28 14.63 16.28
C GLU B 114 36.12 15.56 17.15
N GLN B 115 36.25 15.24 18.45
CA GLN B 115 37.10 16.05 19.32
C GLN B 115 38.56 15.97 18.91
N GLN B 116 38.98 14.88 18.26
CA GLN B 116 40.33 14.83 17.68
C GLN B 116 40.36 15.18 16.19
N MET B 117 39.22 15.53 15.58
CA MET B 117 39.17 16.11 14.24
C MET B 117 39.78 15.17 13.19
N HIS B 118 39.10 14.04 12.98
CA HIS B 118 39.45 13.11 11.90
C HIS B 118 38.21 12.37 11.40
N PRO B 119 37.31 13.08 10.70
CA PRO B 119 36.07 12.43 10.24
C PRO B 119 36.30 11.41 9.14
N THR B 120 37.19 11.74 8.19
CA THR B 120 37.44 10.85 7.07
C THR B 120 38.00 9.51 7.52
N VAL B 121 38.87 9.52 8.53
CA VAL B 121 39.39 8.28 9.07
C VAL B 121 38.25 7.46 9.68
N VAL B 122 37.30 8.13 10.33
CA VAL B 122 36.16 7.43 10.91
C VAL B 122 35.32 6.76 9.82
N ILE B 123 35.08 7.48 8.72
CA ILE B 123 34.30 6.90 7.63
C ILE B 123 35.06 5.71 7.01
N SER B 124 36.37 5.86 6.82
CA SER B 124 37.17 4.77 6.26
C SER B 124 37.14 3.54 7.16
N ALA B 125 37.19 3.74 8.47
CA ALA B 125 37.04 2.64 9.41
C ALA B 125 35.66 2.02 9.31
N TYR B 126 34.63 2.86 9.15
CA TYR B 126 33.26 2.37 9.06
C TYR B 126 33.08 1.44 7.87
N ARG B 127 33.69 1.79 6.73
CA ARG B 127 33.51 0.97 5.54
C ARG B 127 34.01 -0.46 5.75
N LYS B 128 35.26 -0.60 6.20
CA LYS B 128 35.78 -1.95 6.39
C LYS B 128 35.16 -2.65 7.58
N ALA B 129 34.69 -1.89 8.59
CA ALA B 129 33.94 -2.51 9.68
C ALA B 129 32.65 -3.13 9.16
N LEU B 130 31.93 -2.41 8.29
CA LEU B 130 30.74 -2.98 7.67
C LEU B 130 31.09 -4.22 6.86
N ASP B 131 32.15 -4.14 6.06
CA ASP B 131 32.53 -5.28 5.22
C ASP B 131 32.82 -6.52 6.07
N ASP B 132 33.63 -6.36 7.12
CA ASP B 132 34.03 -7.54 7.89
C ASP B 132 32.91 -8.05 8.79
N MET B 133 32.04 -7.17 9.30
CA MET B 133 30.91 -7.67 10.07
C MET B 133 29.91 -8.41 9.16
N ILE B 134 29.73 -7.94 7.93
CA ILE B 134 28.90 -8.67 6.98
C ILE B 134 29.50 -10.03 6.68
N SER B 135 30.82 -10.08 6.48
CA SER B 135 31.48 -11.36 6.25
C SER B 135 31.31 -12.30 7.44
N THR B 136 31.48 -11.77 8.65
CA THR B 136 31.33 -12.59 9.85
C THR B 136 29.90 -13.12 9.98
N LEU B 137 28.91 -12.28 9.69
CA LEU B 137 27.52 -12.73 9.74
C LEU B 137 27.26 -13.80 8.69
N LYS B 138 27.83 -13.65 7.50
CA LYS B 138 27.70 -14.67 6.47
C LYS B 138 28.42 -15.96 6.83
N LYS B 139 29.44 -15.89 7.70
CA LYS B 139 30.18 -17.08 8.07
C LYS B 139 29.29 -18.11 8.78
N ILE B 140 28.43 -17.64 9.69
CA ILE B 140 27.57 -18.53 10.47
C ILE B 140 26.18 -18.56 9.83
N SER B 141 25.67 -19.77 9.61
CA SER B 141 24.35 -20.01 9.04
C SER B 141 24.08 -21.50 9.08
N ILE B 142 22.80 -21.86 9.19
CA ILE B 142 22.39 -23.25 9.14
C ILE B 142 21.33 -23.43 8.06
N PRO B 143 21.53 -24.34 7.11
CA PRO B 143 20.53 -24.56 6.07
C PRO B 143 19.36 -25.40 6.58
N VAL B 144 18.23 -25.23 5.90
CA VAL B 144 17.02 -25.97 6.23
C VAL B 144 16.37 -26.42 4.92
N ASP B 145 15.82 -27.63 4.93
CA ASP B 145 15.16 -28.16 3.74
C ASP B 145 13.81 -27.47 3.53
N ILE B 146 13.36 -27.47 2.28
CA ILE B 146 12.12 -26.80 1.90
C ILE B 146 11.09 -27.78 1.34
N SER B 147 11.40 -29.07 1.26
CA SER B 147 10.46 -30.02 0.67
C SER B 147 9.26 -30.25 1.58
N ASP B 148 9.49 -30.46 2.87
CA ASP B 148 8.43 -30.76 3.81
C ASP B 148 7.80 -29.48 4.34
N SER B 149 6.46 -29.49 4.42
CA SER B 149 5.72 -28.30 4.84
C SER B 149 5.36 -28.30 6.32
N ASP B 150 5.47 -29.44 7.00
CA ASP B 150 5.10 -29.49 8.41
C ASP B 150 6.04 -28.63 9.25
N MET B 151 7.34 -28.69 8.98
CA MET B 151 8.26 -27.87 9.76
C MET B 151 8.14 -26.39 9.41
N MET B 152 7.79 -26.07 8.17
CA MET B 152 7.46 -24.68 7.84
C MET B 152 6.24 -24.21 8.62
N LEU B 153 5.23 -25.07 8.75
CA LEU B 153 4.06 -24.72 9.55
C LEU B 153 4.45 -24.49 11.00
N ASN B 154 5.34 -25.32 11.54
CA ASN B 154 5.82 -25.13 12.90
C ASN B 154 6.56 -23.81 13.05
N ILE B 155 7.42 -23.48 12.09
CA ILE B 155 8.17 -22.23 12.14
C ILE B 155 7.21 -21.05 12.07
N ILE B 156 6.20 -21.12 11.20
CA ILE B 156 5.22 -20.05 11.07
C ILE B 156 4.44 -19.89 12.38
N ASN B 157 4.03 -21.00 12.99
CA ASN B 157 3.32 -20.94 14.26
C ASN B 157 4.18 -20.28 15.34
N SER B 158 5.47 -20.61 15.36
CA SER B 158 6.37 -19.94 16.30
C SER B 158 6.51 -18.46 15.98
N SER B 159 6.43 -18.09 14.69
CA SER B 159 6.59 -16.70 14.29
C SER B 159 5.37 -15.85 14.63
N ILE B 160 4.18 -16.46 14.62
CA ILE B 160 2.94 -15.73 14.89
C ILE B 160 2.61 -15.84 16.37
N THR B 161 3.61 -16.18 17.18
CA THR B 161 3.45 -16.19 18.63
C THR B 161 3.31 -14.76 19.16
N THR B 162 3.54 -13.78 18.28
CA THR B 162 3.32 -12.38 18.61
C THR B 162 1.88 -12.16 19.07
N LYS B 163 1.69 -11.15 19.91
CA LYS B 163 0.41 -10.83 20.51
C LYS B 163 -0.73 -10.84 19.49
N ALA B 164 -1.66 -11.77 19.65
CA ALA B 164 -2.80 -11.94 18.75
C ALA B 164 -3.81 -12.85 19.46
N ILE B 165 -4.84 -13.28 18.73
CA ILE B 165 -5.87 -14.16 19.25
C ILE B 165 -5.78 -15.48 18.52
N SER B 166 -5.71 -16.58 19.28
CA SER B 166 -5.53 -17.91 18.70
C SER B 166 -6.91 -18.51 18.41
N ARG B 167 -7.47 -18.11 17.28
CA ARG B 167 -8.73 -18.67 16.78
C ARG B 167 -8.48 -19.22 15.38
N TRP B 168 -8.41 -20.54 15.27
CA TRP B 168 -8.12 -21.23 14.02
C TRP B 168 -6.81 -20.74 13.40
N SER B 169 -5.80 -20.58 14.25
CA SER B 169 -4.50 -20.09 13.78
C SER B 169 -3.85 -21.07 12.83
N SER B 170 -3.96 -22.37 13.10
CA SER B 170 -3.34 -23.38 12.24
C SER B 170 -3.94 -23.33 10.83
N LEU B 171 -5.26 -23.16 10.74
CA LEU B 171 -5.90 -23.06 9.43
C LEU B 171 -5.40 -21.84 8.68
N ALA B 172 -5.31 -20.69 9.35
CA ALA B 172 -4.83 -19.48 8.70
C ALA B 172 -3.40 -19.66 8.20
N CYS B 173 -2.54 -20.26 9.03
CA CYS B 173 -1.16 -20.50 8.60
C CYS B 173 -1.11 -21.42 7.40
N ASN B 174 -1.92 -22.49 7.40
CA ASN B 174 -1.91 -23.42 6.28
C ASN B 174 -2.35 -22.74 4.98
N ILE B 175 -3.42 -21.95 5.04
CA ILE B 175 -3.89 -21.26 3.84
C ILE B 175 -2.87 -20.25 3.36
N ALA B 176 -2.23 -19.55 4.29
CA ALA B 176 -1.20 -18.58 3.92
C ALA B 176 -0.04 -19.27 3.21
N LEU B 177 0.41 -20.40 3.75
CA LEU B 177 1.50 -21.14 3.12
C LEU B 177 1.11 -21.59 1.72
N ASP B 178 -0.11 -22.13 1.58
CA ASP B 178 -0.54 -22.61 0.27
C ASP B 178 -0.57 -21.48 -0.76
N ALA B 179 -1.14 -20.33 -0.40
CA ALA B 179 -1.23 -19.23 -1.35
C ALA B 179 0.14 -18.70 -1.72
N VAL B 180 1.01 -18.47 -0.73
CA VAL B 180 2.31 -17.89 -1.04
C VAL B 180 3.20 -18.87 -1.79
N LYS B 181 2.97 -20.18 -1.63
CA LYS B 181 3.70 -21.13 -2.47
C LYS B 181 3.13 -21.19 -3.88
N MET B 182 1.82 -21.00 -4.03
CA MET B 182 1.22 -21.12 -5.35
C MET B 182 1.51 -19.92 -6.25
N VAL B 183 1.62 -18.72 -5.68
CA VAL B 183 1.92 -17.57 -6.54
C VAL B 183 3.32 -17.71 -7.14
N GLN B 184 4.29 -18.16 -6.34
CA GLN B 184 5.67 -18.43 -6.77
C GLN B 184 6.21 -17.41 -7.76
N PHE B 185 6.92 -17.86 -8.79
CA PHE B 185 7.54 -16.96 -9.76
C PHE B 185 7.34 -17.53 -11.16
N GLU B 186 7.53 -16.67 -12.16
CA GLU B 186 7.34 -17.05 -13.55
C GLU B 186 8.66 -17.15 -14.31
N GLU B 187 9.77 -17.38 -13.62
CA GLU B 187 11.09 -17.57 -14.24
C GLU B 187 11.48 -16.36 -15.07
N ASN B 188 11.29 -15.17 -14.52
CA ASN B 188 11.69 -13.92 -15.14
C ASN B 188 12.57 -13.16 -14.17
N GLY B 189 13.86 -13.09 -14.46
CA GLY B 189 14.81 -12.50 -13.52
C GLY B 189 14.95 -13.30 -12.25
N ARG B 190 15.04 -14.63 -12.38
CA ARG B 190 15.16 -15.54 -11.24
C ARG B 190 13.98 -15.43 -10.30
N LYS B 191 14.06 -16.08 -9.15
CA LYS B 191 12.92 -16.13 -8.23
C LYS B 191 12.49 -14.73 -7.82
N GLU B 192 11.20 -14.47 -7.92
CA GLU B 192 10.63 -13.21 -7.45
C GLU B 192 9.19 -13.49 -7.03
N ILE B 193 8.87 -13.17 -5.78
CA ILE B 193 7.56 -13.46 -5.20
C ILE B 193 6.88 -12.14 -4.92
N ASP B 194 5.66 -11.98 -5.41
CA ASP B 194 4.85 -10.80 -5.14
C ASP B 194 3.55 -11.23 -4.47
N ILE B 195 3.13 -10.47 -3.46
CA ILE B 195 1.96 -10.83 -2.68
C ILE B 195 0.95 -9.69 -2.70
N LYS B 196 1.43 -8.47 -2.94
CA LYS B 196 0.54 -7.31 -2.86
C LYS B 196 -0.49 -7.31 -3.99
N LYS B 197 -0.08 -7.72 -5.19
CA LYS B 197 -0.94 -7.58 -6.35
C LYS B 197 -1.61 -8.87 -6.80
N TYR B 198 -1.07 -10.03 -6.42
CA TYR B 198 -1.66 -11.29 -6.87
C TYR B 198 -2.22 -12.08 -5.69
N ALA B 199 -2.93 -11.39 -4.79
CA ALA B 199 -3.66 -12.05 -3.71
C ALA B 199 -4.64 -11.05 -3.14
N ARG B 200 -5.92 -11.40 -3.13
CA ARG B 200 -6.97 -10.51 -2.64
C ARG B 200 -7.85 -11.26 -1.65
N VAL B 201 -8.19 -10.61 -0.55
CA VAL B 201 -9.02 -11.20 0.50
C VAL B 201 -10.45 -10.73 0.33
N GLU B 202 -11.40 -11.66 0.41
CA GLU B 202 -12.81 -11.35 0.32
C GLU B 202 -13.53 -12.05 1.46
N LYS B 203 -14.38 -11.31 2.17
CA LYS B 203 -15.09 -11.82 3.33
C LYS B 203 -16.59 -11.63 3.14
N ILE B 204 -17.35 -12.69 3.32
CA ILE B 204 -18.80 -12.64 3.17
C ILE B 204 -19.46 -13.29 4.38
N PRO B 205 -20.40 -12.61 5.03
CA PRO B 205 -21.02 -13.17 6.24
C PRO B 205 -21.90 -14.37 5.94
N GLY B 206 -22.09 -15.20 6.97
CA GLY B 206 -22.95 -16.35 6.87
C GLY B 206 -22.20 -17.66 6.71
N GLY B 207 -22.69 -18.71 7.38
CA GLY B 207 -22.10 -20.03 7.27
C GLY B 207 -21.02 -20.26 8.32
N ILE B 208 -20.62 -21.54 8.42
CA ILE B 208 -19.61 -21.93 9.38
C ILE B 208 -18.26 -21.37 8.99
N ILE B 209 -17.37 -21.23 9.98
CA ILE B 209 -16.02 -20.71 9.74
C ILE B 209 -15.09 -21.78 9.18
N GLU B 210 -15.50 -23.04 9.17
CA GLU B 210 -14.64 -24.10 8.63
C GLU B 210 -14.54 -24.03 7.11
N ASP B 211 -15.59 -23.54 6.45
CA ASP B 211 -15.64 -23.55 4.99
C ASP B 211 -14.60 -22.64 4.34
N SER B 212 -13.94 -21.78 5.11
CA SER B 212 -12.91 -20.91 4.55
C SER B 212 -11.82 -21.75 3.89
N CYS B 213 -11.41 -21.31 2.69
CA CYS B 213 -10.41 -22.03 1.92
C CYS B 213 -9.86 -21.12 0.85
N VAL B 214 -8.86 -21.63 0.13
CA VAL B 214 -8.26 -20.93 -1.00
C VAL B 214 -8.96 -21.37 -2.27
N LEU B 215 -9.23 -20.40 -3.15
CA LEU B 215 -9.93 -20.64 -4.40
C LEU B 215 -8.94 -20.55 -5.55
N ARG B 216 -8.90 -21.58 -6.40
CA ARG B 216 -7.91 -21.65 -7.46
C ARG B 216 -8.14 -20.63 -8.56
N GLY B 217 -9.28 -19.95 -8.59
CA GLY B 217 -9.59 -19.05 -9.67
C GLY B 217 -9.61 -17.59 -9.27
N VAL B 218 -10.70 -16.90 -9.56
CA VAL B 218 -10.82 -15.48 -9.23
C VAL B 218 -12.30 -15.12 -9.23
N MET B 219 -12.67 -14.20 -8.35
CA MET B 219 -14.05 -13.76 -8.17
C MET B 219 -14.19 -12.29 -8.52
N ILE B 220 -15.31 -11.95 -9.17
CA ILE B 220 -15.65 -10.57 -9.45
C ILE B 220 -17.10 -10.36 -9.00
N ASN B 221 -17.43 -9.12 -8.67
CA ASN B 221 -18.71 -8.80 -8.04
C ASN B 221 -19.81 -8.42 -9.03
N LYS B 222 -19.57 -8.52 -10.33
CA LYS B 222 -20.54 -8.05 -11.29
C LYS B 222 -21.20 -9.23 -12.01
N ASP B 223 -22.11 -8.92 -12.94
CA ASP B 223 -22.90 -9.94 -13.62
C ASP B 223 -23.08 -9.56 -15.09
N VAL B 224 -23.83 -10.38 -15.82
CA VAL B 224 -24.05 -10.16 -17.24
C VAL B 224 -24.99 -8.98 -17.45
N THR B 225 -24.96 -8.45 -18.67
CA THR B 225 -25.68 -7.22 -19.01
C THR B 225 -27.06 -7.47 -19.62
N HIS B 226 -27.44 -8.73 -19.85
CA HIS B 226 -28.74 -8.98 -20.47
C HIS B 226 -29.23 -10.36 -20.07
N PRO B 227 -30.51 -10.50 -19.70
CA PRO B 227 -30.97 -11.76 -19.09
C PRO B 227 -30.95 -12.96 -20.02
N ARG B 228 -30.92 -12.77 -21.34
CA ARG B 228 -31.09 -13.87 -22.26
C ARG B 228 -29.79 -14.53 -22.71
N MET B 229 -28.65 -14.13 -22.16
CA MET B 229 -27.38 -14.72 -22.54
C MET B 229 -27.03 -15.89 -21.62
N ARG B 230 -26.33 -16.87 -22.19
CA ARG B 230 -25.98 -18.08 -21.47
C ARG B 230 -24.96 -17.77 -20.37
N ARG B 231 -25.10 -18.46 -19.23
CA ARG B 231 -24.20 -18.28 -18.09
C ARG B 231 -23.35 -19.51 -17.81
N TYR B 232 -23.97 -20.66 -17.60
CA TYR B 232 -23.20 -21.88 -17.31
C TYR B 232 -22.54 -22.37 -18.59
N ILE B 233 -21.22 -22.25 -18.65
CA ILE B 233 -20.44 -22.63 -19.83
C ILE B 233 -19.40 -23.65 -19.39
N LYS B 234 -19.01 -24.52 -20.32
CA LYS B 234 -17.97 -25.50 -20.09
C LYS B 234 -16.83 -25.26 -21.06
N ASN B 235 -15.60 -25.27 -20.55
CA ASN B 235 -14.38 -25.04 -21.32
C ASN B 235 -14.47 -23.73 -22.11
N PRO B 236 -14.34 -22.59 -21.43
CA PRO B 236 -14.45 -21.31 -22.13
C PRO B 236 -13.21 -20.99 -22.94
N ARG B 237 -13.34 -19.98 -23.80
CA ARG B 237 -12.23 -19.40 -24.56
C ARG B 237 -12.31 -17.90 -24.35
N ILE B 238 -11.57 -17.40 -23.37
CA ILE B 238 -11.71 -16.02 -22.90
C ILE B 238 -10.84 -15.10 -23.73
N VAL B 239 -11.36 -13.90 -24.02
CA VAL B 239 -10.58 -12.84 -24.63
C VAL B 239 -10.65 -11.63 -23.72
N LEU B 240 -9.50 -10.98 -23.51
CA LEU B 240 -9.41 -9.79 -22.68
C LEU B 240 -9.16 -8.59 -23.57
N LEU B 241 -9.93 -7.53 -23.38
CA LEU B 241 -9.95 -6.43 -24.33
C LEU B 241 -10.18 -5.13 -23.57
N ASP B 242 -9.40 -4.12 -23.92
CA ASP B 242 -9.48 -2.80 -23.30
C ASP B 242 -10.29 -1.86 -24.21
N SER B 243 -10.32 -0.59 -23.85
CA SER B 243 -11.02 0.44 -24.62
C SER B 243 -12.51 0.16 -24.67
N SER B 244 -13.24 0.94 -25.47
CA SER B 244 -14.69 0.85 -25.54
C SER B 244 -15.12 0.40 -26.93
N LEU B 245 -16.10 -0.51 -26.96
CA LEU B 245 -16.63 -0.96 -28.25
C LEU B 245 -17.33 0.17 -28.99
N GLU B 246 -18.10 0.99 -28.29
CA GLU B 246 -18.79 2.10 -28.92
C GLU B 246 -17.80 3.16 -29.39
N TYR B 247 -18.17 3.88 -30.45
CA TYR B 247 -17.32 4.91 -31.00
C TYR B 247 -18.21 5.99 -31.61
N LYS B 248 -18.12 7.20 -31.08
CA LYS B 248 -18.89 8.33 -31.58
C LYS B 248 -18.02 9.48 -32.08
N LYS B 249 -17.05 9.92 -31.29
CA LYS B 249 -16.15 11.02 -31.66
C LYS B 249 -16.94 12.26 -32.08
N GLY B 250 -17.97 12.58 -31.30
CA GLY B 250 -18.82 13.71 -31.63
C GLY B 250 -18.11 15.05 -31.49
N GLU B 251 -17.27 15.18 -30.45
CA GLU B 251 -16.66 16.48 -30.15
C GLU B 251 -15.80 16.98 -31.30
N SER B 252 -15.33 16.08 -32.17
CA SER B 252 -14.56 16.52 -33.33
C SER B 252 -15.42 17.36 -34.28
N GLN B 253 -16.65 16.94 -34.52
CA GLN B 253 -17.55 17.63 -35.45
C GLN B 253 -18.86 17.92 -34.72
N THR B 254 -19.01 19.14 -34.23
CA THR B 254 -20.22 19.57 -33.53
C THR B 254 -20.71 20.87 -34.15
N ASP B 255 -22.02 20.91 -34.47
CA ASP B 255 -22.67 22.09 -35.00
C ASP B 255 -22.00 22.58 -36.29
N ILE B 256 -21.60 21.62 -37.14
CA ILE B 256 -21.04 21.93 -38.45
C ILE B 256 -22.23 22.04 -39.41
N GLU B 257 -22.62 23.27 -39.73
CA GLU B 257 -23.80 23.55 -40.55
C GLU B 257 -25.04 22.90 -39.94
N ILE B 258 -25.41 23.43 -38.78
CA ILE B 258 -26.52 22.91 -37.98
C ILE B 258 -27.76 22.68 -38.83
N THR B 259 -28.00 23.53 -39.84
CA THR B 259 -29.14 23.35 -40.72
C THR B 259 -29.02 22.13 -41.62
N ARG B 260 -27.83 21.50 -41.69
CA ARG B 260 -27.61 20.34 -42.54
C ARG B 260 -27.76 19.08 -41.69
N GLU B 261 -29.02 18.65 -41.53
CA GLU B 261 -29.27 17.38 -40.87
C GLU B 261 -28.85 16.18 -41.71
N GLU B 262 -28.67 16.39 -43.03
CA GLU B 262 -28.14 15.33 -43.88
C GLU B 262 -26.75 14.93 -43.44
N ASP B 263 -25.97 15.86 -42.88
CA ASP B 263 -24.68 15.50 -42.30
C ASP B 263 -24.85 14.54 -41.13
N PHE B 264 -25.84 14.80 -40.27
CA PHE B 264 -26.12 13.89 -39.17
C PHE B 264 -26.53 12.51 -39.69
N THR B 265 -27.39 12.47 -40.70
CA THR B 265 -27.80 11.19 -41.27
C THR B 265 -26.61 10.45 -41.84
N ARG B 266 -25.73 11.15 -42.57
CA ARG B 266 -24.58 10.50 -43.18
C ARG B 266 -23.60 9.99 -42.13
N ILE B 267 -23.36 10.76 -41.07
CA ILE B 267 -22.40 10.30 -40.07
C ILE B 267 -22.96 9.11 -39.30
N LEU B 268 -24.26 9.14 -38.98
CA LEU B 268 -24.83 7.98 -38.29
C LEU B 268 -24.89 6.76 -39.19
N GLN B 269 -25.01 6.97 -40.51
CA GLN B 269 -24.96 5.85 -41.43
C GLN B 269 -23.55 5.26 -41.53
N MET B 270 -22.53 6.12 -41.60
CA MET B 270 -21.18 5.62 -41.78
C MET B 270 -20.62 5.01 -40.50
N GLU B 271 -21.10 5.46 -39.33
CA GLU B 271 -20.62 4.85 -38.09
C GLU B 271 -21.02 3.39 -37.99
N GLU B 272 -22.12 3.01 -38.63
CA GLU B 272 -22.55 1.61 -38.64
C GLU B 272 -21.49 0.73 -39.29
N GLU B 273 -20.86 1.22 -40.36
CA GLU B 273 -19.81 0.44 -41.02
C GLU B 273 -18.65 0.18 -40.06
N TYR B 274 -18.22 1.21 -39.32
CA TYR B 274 -17.13 1.03 -38.37
C TYR B 274 -17.51 0.05 -37.27
N ILE B 275 -18.74 0.18 -36.74
CA ILE B 275 -19.17 -0.71 -35.66
C ILE B 275 -19.20 -2.16 -36.14
N GLN B 276 -19.78 -2.39 -37.33
CA GLN B 276 -19.87 -3.75 -37.83
C GLN B 276 -18.50 -4.30 -38.21
N GLN B 277 -17.58 -3.45 -38.67
CA GLN B 277 -16.23 -3.92 -38.94
C GLN B 277 -15.53 -4.37 -37.67
N LEU B 278 -15.66 -3.58 -36.60
CA LEU B 278 -15.10 -4.00 -35.31
C LEU B 278 -15.71 -5.31 -34.84
N CYS B 279 -17.04 -5.43 -34.95
CA CYS B 279 -17.71 -6.64 -34.51
C CYS B 279 -17.26 -7.86 -35.30
N GLU B 280 -17.10 -7.71 -36.62
CA GLU B 280 -16.64 -8.83 -37.44
C GLU B 280 -15.19 -9.19 -37.11
N ASP B 281 -14.35 -8.19 -36.88
CA ASP B 281 -12.95 -8.48 -36.54
C ASP B 281 -12.87 -9.26 -35.24
N ILE B 282 -13.69 -8.90 -34.24
CA ILE B 282 -13.73 -9.67 -33.01
C ILE B 282 -14.27 -11.08 -33.26
N ILE B 283 -15.37 -11.17 -34.02
CA ILE B 283 -16.05 -12.45 -34.21
C ILE B 283 -15.33 -13.38 -35.16
N GLN B 284 -14.24 -12.94 -35.78
CA GLN B 284 -13.47 -13.80 -36.67
C GLN B 284 -12.84 -14.98 -35.94
N LEU B 285 -12.83 -14.95 -34.61
CA LEU B 285 -12.31 -16.02 -33.77
C LEU B 285 -13.47 -16.57 -32.94
N LYS B 286 -13.15 -17.39 -31.94
CA LYS B 286 -14.17 -17.96 -31.07
C LYS B 286 -14.04 -17.44 -29.64
N PRO B 287 -14.20 -16.14 -29.41
CA PRO B 287 -14.05 -15.61 -28.04
C PRO B 287 -15.33 -15.74 -27.23
N ASP B 288 -15.52 -16.87 -26.56
CA ASP B 288 -16.78 -17.15 -25.87
C ASP B 288 -17.14 -16.05 -24.88
N VAL B 289 -16.15 -15.45 -24.22
CA VAL B 289 -16.37 -14.43 -23.21
C VAL B 289 -15.60 -13.18 -23.60
N VAL B 290 -16.21 -12.01 -23.41
CA VAL B 290 -15.59 -10.73 -23.70
C VAL B 290 -15.67 -9.85 -22.47
N ILE B 291 -14.52 -9.32 -22.04
CA ILE B 291 -14.42 -8.47 -20.86
C ILE B 291 -13.93 -7.10 -21.30
N THR B 292 -14.67 -6.06 -20.92
CA THR B 292 -14.33 -4.69 -21.26
C THR B 292 -14.20 -3.86 -19.99
N GLU B 293 -13.88 -2.58 -20.18
CA GLU B 293 -13.74 -1.69 -19.03
C GLU B 293 -14.54 -0.40 -19.15
N LYS B 294 -14.65 0.18 -20.34
CA LYS B 294 -15.30 1.48 -20.46
C LYS B 294 -16.82 1.34 -20.57
N GLY B 295 -17.30 0.69 -21.61
CA GLY B 295 -18.74 0.56 -21.80
C GLY B 295 -19.03 -0.16 -23.09
N ILE B 296 -20.31 -0.45 -23.30
CA ILE B 296 -20.79 -1.18 -24.46
C ILE B 296 -22.09 -0.53 -24.95
N SER B 297 -22.20 -0.38 -26.27
CA SER B 297 -23.36 0.23 -26.91
C SER B 297 -24.43 -0.82 -27.17
N ASP B 298 -25.45 -0.46 -27.96
CA ASP B 298 -26.54 -1.36 -28.28
C ASP B 298 -26.26 -2.20 -29.53
N LEU B 299 -25.68 -1.60 -30.58
CA LEU B 299 -25.35 -2.38 -31.78
C LEU B 299 -24.33 -3.47 -31.46
N ALA B 300 -23.31 -3.16 -30.67
CA ALA B 300 -22.28 -4.16 -30.37
C ALA B 300 -22.89 -5.35 -29.63
N GLN B 301 -23.68 -5.08 -28.58
CA GLN B 301 -24.28 -6.18 -27.84
C GLN B 301 -25.32 -6.91 -28.67
N HIS B 302 -26.05 -6.21 -29.54
CA HIS B 302 -27.00 -6.86 -30.42
C HIS B 302 -26.30 -7.83 -31.38
N TYR B 303 -25.19 -7.38 -31.97
CA TYR B 303 -24.44 -8.24 -32.87
C TYR B 303 -23.86 -9.44 -32.13
N LEU B 304 -23.35 -9.22 -30.92
CA LEU B 304 -22.83 -10.33 -30.13
C LEU B 304 -23.95 -11.33 -29.80
N MET B 305 -25.13 -10.82 -29.42
CA MET B 305 -26.25 -11.68 -29.07
C MET B 305 -26.83 -12.38 -30.29
N ARG B 306 -26.58 -11.87 -31.50
CA ARG B 306 -26.92 -12.61 -32.70
C ARG B 306 -26.20 -13.94 -32.73
N ALA B 307 -24.91 -13.93 -32.39
CA ALA B 307 -24.17 -15.16 -32.15
C ALA B 307 -24.33 -15.55 -30.68
N ASN B 308 -23.53 -16.49 -30.20
CA ASN B 308 -23.60 -16.95 -28.82
C ASN B 308 -22.33 -16.52 -28.09
N ILE B 309 -22.35 -15.31 -27.55
CA ILE B 309 -21.24 -14.76 -26.78
C ILE B 309 -21.81 -14.14 -25.51
N THR B 310 -20.97 -14.07 -24.48
CA THR B 310 -21.32 -13.43 -23.21
C THR B 310 -20.36 -12.28 -22.95
N ALA B 311 -20.88 -11.19 -22.38
CA ALA B 311 -20.09 -9.99 -22.15
C ALA B 311 -20.22 -9.54 -20.71
N ILE B 312 -19.13 -9.01 -20.16
CA ILE B 312 -19.10 -8.42 -18.83
C ILE B 312 -18.49 -7.03 -18.95
N ARG B 313 -19.14 -6.04 -18.33
CA ARG B 313 -18.82 -4.64 -18.56
C ARG B 313 -18.25 -3.99 -17.31
N ARG B 314 -17.29 -3.08 -17.51
CA ARG B 314 -16.81 -2.15 -16.47
C ARG B 314 -16.24 -2.89 -15.27
N VAL B 315 -15.15 -3.62 -15.50
CA VAL B 315 -14.38 -4.22 -14.42
C VAL B 315 -13.18 -3.31 -14.14
N ARG B 316 -12.69 -3.36 -12.90
CA ARG B 316 -11.61 -2.49 -12.50
C ARG B 316 -10.28 -2.95 -13.11
N LYS B 317 -9.27 -2.08 -12.98
CA LYS B 317 -7.97 -2.37 -13.57
C LYS B 317 -7.27 -3.53 -12.87
N THR B 318 -7.32 -3.56 -11.54
CA THR B 318 -6.64 -4.63 -10.80
C THR B 318 -7.22 -5.99 -11.11
N ASP B 319 -8.54 -6.08 -11.31
CA ASP B 319 -9.14 -7.36 -11.66
C ASP B 319 -8.63 -7.87 -13.00
N ASN B 320 -8.49 -6.98 -13.98
CA ASN B 320 -7.87 -7.37 -15.24
C ASN B 320 -6.42 -7.77 -15.05
N ASN B 321 -5.71 -7.11 -14.12
CA ASN B 321 -4.33 -7.51 -13.84
C ASN B 321 -4.27 -8.93 -13.30
N ARG B 322 -5.18 -9.28 -12.38
CA ARG B 322 -5.22 -10.64 -11.87
C ARG B 322 -5.58 -11.64 -12.96
N ILE B 323 -6.65 -11.37 -13.71
CA ILE B 323 -7.10 -12.35 -14.71
C ILE B 323 -6.05 -12.56 -15.78
N ALA B 324 -5.45 -11.47 -16.28
CA ALA B 324 -4.43 -11.58 -17.31
C ALA B 324 -3.11 -12.11 -16.78
N ARG B 325 -3.01 -12.42 -15.50
CA ARG B 325 -1.77 -12.89 -14.89
C ARG B 325 -1.71 -14.41 -14.83
N ALA B 326 -2.19 -15.05 -15.90
CA ALA B 326 -2.20 -16.50 -16.00
C ALA B 326 -3.03 -17.12 -14.88
N CYS B 327 -4.18 -16.51 -14.59
CA CYS B 327 -5.17 -17.14 -13.73
C CYS B 327 -5.81 -18.34 -14.41
N GLY B 328 -5.32 -18.72 -15.59
CA GLY B 328 -5.92 -19.74 -16.42
C GLY B 328 -6.08 -19.19 -17.82
N ALA B 329 -6.35 -17.89 -17.90
CA ALA B 329 -6.57 -17.22 -19.17
C ALA B 329 -5.32 -16.44 -19.54
N ARG B 330 -4.36 -17.14 -20.16
CA ARG B 330 -3.13 -16.51 -20.62
C ARG B 330 -3.45 -15.57 -21.78
N ILE B 331 -3.42 -14.27 -21.53
CA ILE B 331 -3.83 -13.27 -22.51
C ILE B 331 -2.90 -12.06 -22.41
N VAL B 332 -2.56 -11.48 -23.57
CA VAL B 332 -1.69 -10.31 -23.59
C VAL B 332 -2.47 -8.99 -23.46
N SER B 333 -3.80 -9.04 -23.48
CA SER B 333 -4.65 -7.86 -23.29
C SER B 333 -4.35 -6.78 -24.34
N ARG B 334 -4.63 -7.12 -25.59
CA ARG B 334 -4.38 -6.21 -26.70
C ARG B 334 -5.62 -5.36 -26.98
N PRO B 335 -5.43 -4.06 -27.23
CA PRO B 335 -6.60 -3.17 -27.44
C PRO B 335 -7.41 -3.52 -28.68
N GLU B 336 -6.80 -3.54 -29.86
CA GLU B 336 -7.54 -3.80 -31.09
C GLU B 336 -6.65 -4.50 -32.10
N GLU B 337 -7.32 -5.17 -33.04
CA GLU B 337 -6.66 -5.93 -34.12
C GLU B 337 -5.73 -6.99 -33.54
N LEU B 338 -6.33 -7.94 -32.82
CA LEU B 338 -5.59 -9.01 -32.17
C LEU B 338 -5.20 -10.08 -33.17
N ARG B 339 -4.34 -11.00 -32.72
CA ARG B 339 -3.86 -12.11 -33.52
C ARG B 339 -4.28 -13.43 -32.88
N GLU B 340 -3.98 -14.52 -33.57
CA GLU B 340 -4.32 -15.85 -33.09
C GLU B 340 -3.34 -16.28 -32.00
N ASP B 341 -3.78 -17.24 -31.17
CA ASP B 341 -2.99 -17.86 -30.11
C ASP B 341 -2.78 -16.90 -28.94
N ASP B 342 -3.24 -15.67 -29.08
CA ASP B 342 -3.29 -14.74 -27.95
C ASP B 342 -4.65 -14.76 -27.25
N VAL B 343 -5.59 -15.55 -27.75
CA VAL B 343 -6.87 -15.72 -27.11
C VAL B 343 -7.06 -17.13 -26.55
N GLY B 344 -6.53 -18.15 -27.21
CA GLY B 344 -6.68 -19.53 -26.78
C GLY B 344 -6.11 -19.77 -25.40
N THR B 345 -6.94 -20.24 -24.48
CA THR B 345 -6.56 -20.39 -23.09
C THR B 345 -7.14 -21.68 -22.53
N GLY B 346 -6.50 -22.18 -21.48
CA GLY B 346 -6.99 -23.36 -20.79
C GLY B 346 -7.57 -23.01 -19.43
N ALA B 347 -8.89 -23.06 -19.32
CA ALA B 347 -9.56 -22.75 -18.06
C ALA B 347 -10.48 -23.88 -17.64
N GLY B 348 -11.29 -23.64 -16.61
CA GLY B 348 -12.19 -24.67 -16.13
C GLY B 348 -13.65 -24.35 -16.35
N LEU B 349 -14.33 -23.90 -15.31
CA LEU B 349 -15.76 -23.65 -15.35
C LEU B 349 -16.03 -22.18 -15.07
N LEU B 350 -16.96 -21.61 -15.82
CA LEU B 350 -17.46 -20.26 -15.61
C LEU B 350 -18.88 -20.35 -15.08
N GLU B 351 -19.14 -19.69 -13.95
CA GLU B 351 -20.42 -19.78 -13.28
C GLU B 351 -20.84 -18.42 -12.75
N ILE B 352 -22.15 -18.27 -12.55
CA ILE B 352 -22.72 -17.10 -11.90
C ILE B 352 -23.52 -17.58 -10.71
N LYS B 353 -23.24 -17.03 -9.53
CA LYS B 353 -23.86 -17.45 -8.28
C LYS B 353 -24.69 -16.31 -7.70
N LYS B 354 -25.60 -16.69 -6.80
CA LYS B 354 -26.46 -15.77 -6.08
C LYS B 354 -26.26 -15.90 -4.58
N ILE B 355 -25.02 -16.15 -4.15
CA ILE B 355 -24.73 -16.29 -2.72
C ILE B 355 -25.00 -14.98 -2.00
N GLY B 356 -24.65 -13.85 -2.62
CA GLY B 356 -24.96 -12.54 -2.08
C GLY B 356 -26.18 -11.93 -2.75
N ASP B 357 -26.50 -10.71 -2.30
CA ASP B 357 -27.58 -9.96 -2.94
C ASP B 357 -27.25 -9.66 -4.39
N GLU B 358 -25.96 -9.51 -4.70
CA GLU B 358 -25.49 -9.33 -6.06
C GLU B 358 -24.92 -10.64 -6.58
N TYR B 359 -25.01 -10.83 -7.88
CA TYR B 359 -24.48 -12.04 -8.50
C TYR B 359 -22.95 -12.01 -8.47
N PHE B 360 -22.36 -13.19 -8.33
CA PHE B 360 -20.91 -13.32 -8.24
C PHE B 360 -20.40 -14.19 -9.38
N THR B 361 -19.32 -13.75 -10.02
CA THR B 361 -18.72 -14.49 -11.13
C THR B 361 -17.63 -15.41 -10.61
N PHE B 362 -17.62 -16.64 -11.12
CA PHE B 362 -16.63 -17.64 -10.74
C PHE B 362 -15.95 -18.17 -12.00
N ILE B 363 -14.64 -18.04 -12.06
CA ILE B 363 -13.83 -18.62 -13.13
C ILE B 363 -12.84 -19.55 -12.46
N THR B 364 -13.18 -20.84 -12.37
CA THR B 364 -12.45 -21.72 -11.46
C THR B 364 -12.00 -22.99 -12.16
N ASP B 365 -11.26 -23.81 -11.40
CA ASP B 365 -10.74 -25.10 -11.85
C ASP B 365 -9.85 -24.95 -13.08
N CYS B 366 -8.90 -24.02 -13.00
CA CYS B 366 -7.94 -23.80 -14.07
C CYS B 366 -6.70 -24.65 -13.82
N LYS B 367 -5.63 -24.38 -14.58
CA LYS B 367 -4.36 -25.05 -14.43
C LYS B 367 -3.29 -24.02 -14.10
N ASP B 368 -2.34 -24.40 -13.23
CA ASP B 368 -1.23 -23.62 -12.70
C ASP B 368 -1.53 -22.12 -12.60
N PRO B 369 -2.61 -21.74 -11.91
CA PRO B 369 -3.00 -20.32 -11.89
C PRO B 369 -2.02 -19.50 -11.08
N LYS B 370 -1.36 -18.55 -11.73
CA LYS B 370 -0.41 -17.69 -11.03
C LYS B 370 -1.11 -16.66 -10.16
N ALA B 371 -2.35 -16.31 -10.47
CA ALA B 371 -3.13 -15.43 -9.60
C ALA B 371 -3.81 -16.28 -8.53
N CYS B 372 -4.71 -15.68 -7.76
CA CYS B 372 -5.43 -16.38 -6.72
C CYS B 372 -6.54 -15.48 -6.19
N THR B 373 -7.34 -16.02 -5.28
CA THR B 373 -8.34 -15.23 -4.56
C THR B 373 -8.76 -16.01 -3.33
N ILE B 374 -8.47 -15.46 -2.15
CA ILE B 374 -8.67 -16.14 -0.88
C ILE B 374 -9.93 -15.60 -0.22
N LEU B 375 -10.83 -16.49 0.18
CA LEU B 375 -12.07 -16.09 0.81
C LEU B 375 -12.28 -16.88 2.10
N LEU B 376 -12.95 -16.24 3.05
CA LEU B 376 -13.18 -16.80 4.37
C LEU B 376 -14.53 -16.33 4.88
N ARG B 377 -15.17 -17.16 5.70
CA ARG B 377 -16.54 -16.95 6.13
C ARG B 377 -16.62 -16.87 7.64
N GLY B 378 -17.47 -15.97 8.12
CA GLY B 378 -17.71 -15.82 9.56
C GLY B 378 -19.00 -15.08 9.81
N ALA B 379 -19.53 -15.27 11.02
CA ALA B 379 -20.82 -14.70 11.37
C ALA B 379 -20.74 -13.17 11.44
N SER B 380 -19.78 -12.64 12.18
CA SER B 380 -19.63 -11.20 12.35
C SER B 380 -18.51 -10.69 11.46
N LYS B 381 -18.41 -9.36 11.36
CA LYS B 381 -17.40 -8.77 10.50
C LYS B 381 -16.08 -8.49 11.22
N GLU B 382 -16.15 -8.19 12.53
CA GLU B 382 -14.93 -7.81 13.25
C GLU B 382 -13.99 -9.00 13.45
N ILE B 383 -14.56 -10.18 13.75
CA ILE B 383 -13.72 -11.37 13.80
C ILE B 383 -13.09 -11.63 12.45
N LEU B 384 -13.82 -11.34 11.37
CA LEU B 384 -13.24 -11.46 10.04
C LEU B 384 -12.06 -10.51 9.87
N SER B 385 -12.18 -9.28 10.35
CA SER B 385 -11.06 -8.34 10.25
C SER B 385 -9.85 -8.84 11.02
N GLU B 386 -10.08 -9.37 12.22
CA GLU B 386 -8.96 -9.90 13.01
C GLU B 386 -8.28 -11.06 12.30
N VAL B 387 -9.07 -11.99 11.75
CA VAL B 387 -8.51 -13.13 11.04
C VAL B 387 -7.73 -12.66 9.81
N GLU B 388 -8.24 -11.63 9.13
CA GLU B 388 -7.55 -11.08 7.97
C GLU B 388 -6.19 -10.54 8.37
N ARG B 389 -6.13 -9.79 9.48
CA ARG B 389 -4.84 -9.27 9.94
C ARG B 389 -3.88 -10.41 10.27
N ASN B 390 -4.36 -11.43 10.96
CA ASN B 390 -3.51 -12.56 11.33
C ASN B 390 -2.90 -13.22 10.08
N LEU B 391 -3.74 -13.57 9.11
CA LEU B 391 -3.19 -14.28 7.96
C LEU B 391 -2.34 -13.35 7.10
N GLN B 392 -2.59 -12.04 7.13
CA GLN B 392 -1.70 -11.11 6.43
C GLN B 392 -0.29 -11.17 7.01
N ASP B 393 -0.18 -11.15 8.33
CA ASP B 393 1.14 -11.25 8.95
C ASP B 393 1.80 -12.59 8.62
N ALA B 394 1.02 -13.67 8.66
CA ALA B 394 1.59 -14.98 8.34
C ALA B 394 2.11 -15.03 6.92
N MET B 395 1.36 -14.46 5.97
CA MET B 395 1.81 -14.43 4.58
C MET B 395 3.09 -13.64 4.43
N GLN B 396 3.19 -12.50 5.13
CA GLN B 396 4.43 -11.72 5.07
C GLN B 396 5.63 -12.55 5.51
N VAL B 397 5.51 -13.23 6.66
CA VAL B 397 6.62 -14.03 7.15
C VAL B 397 6.96 -15.15 6.16
N CYS B 398 5.96 -15.84 5.65
CA CYS B 398 6.22 -16.97 4.77
C CYS B 398 6.84 -16.52 3.46
N ARG B 399 6.45 -15.36 2.93
CA ARG B 399 7.13 -14.83 1.75
C ARG B 399 8.58 -14.55 2.05
N ASN B 400 8.86 -13.93 3.21
CA ASN B 400 10.25 -13.63 3.54
C ASN B 400 11.09 -14.90 3.64
N VAL B 401 10.50 -15.99 4.13
CA VAL B 401 11.30 -17.20 4.35
C VAL B 401 11.77 -17.81 3.03
N LEU B 402 10.88 -17.91 2.03
CA LEU B 402 11.19 -18.69 0.84
C LEU B 402 12.32 -18.08 0.00
N LEU B 403 12.49 -16.76 0.04
CA LEU B 403 13.54 -16.15 -0.77
C LEU B 403 14.92 -16.63 -0.34
N ASP B 404 15.17 -16.70 0.96
CA ASP B 404 16.45 -17.18 1.50
C ASP B 404 16.23 -18.36 2.42
N PRO B 405 16.61 -19.57 2.03
CA PRO B 405 16.26 -20.75 2.81
C PRO B 405 17.22 -21.05 3.97
N GLN B 406 17.98 -20.05 4.43
CA GLN B 406 18.88 -20.21 5.56
C GLN B 406 18.42 -19.35 6.73
N LEU B 407 18.69 -19.83 7.94
CA LEU B 407 18.25 -19.17 9.16
C LEU B 407 19.45 -18.87 10.08
N VAL B 408 19.26 -17.90 10.95
CA VAL B 408 20.29 -17.45 11.88
C VAL B 408 19.68 -17.32 13.28
N PRO B 409 20.36 -17.80 14.33
CA PRO B 409 19.81 -17.65 15.68
C PRO B 409 19.69 -16.19 16.09
N GLY B 410 18.67 -15.91 16.90
CA GLY B 410 18.43 -14.56 17.36
C GLY B 410 18.59 -14.39 18.85
N GLY B 411 17.88 -13.41 19.43
CA GLY B 411 17.97 -13.16 20.85
C GLY B 411 19.18 -12.37 21.30
N GLY B 412 19.94 -11.79 20.37
CA GLY B 412 21.13 -11.03 20.71
C GLY B 412 22.41 -11.83 20.70
N ALA B 413 22.35 -13.15 20.54
CA ALA B 413 23.56 -13.95 20.51
C ALA B 413 24.42 -13.61 19.30
N SER B 414 23.78 -13.38 18.15
CA SER B 414 24.53 -13.05 16.94
C SER B 414 25.28 -11.73 17.10
N GLU B 415 24.65 -10.73 17.72
CA GLU B 415 25.32 -9.45 17.94
C GLU B 415 26.55 -9.62 18.82
N MET B 416 26.41 -10.37 19.92
CA MET B 416 27.54 -10.59 20.82
C MET B 416 28.66 -11.34 20.13
N ALA B 417 28.33 -12.36 19.33
CA ALA B 417 29.35 -13.11 18.61
C ALA B 417 30.07 -12.21 17.61
N VAL B 418 29.33 -11.38 16.88
CA VAL B 418 29.95 -10.47 15.92
C VAL B 418 30.87 -9.49 16.63
N ALA B 419 30.42 -8.93 17.76
CA ALA B 419 31.24 -8.00 18.51
C ALA B 419 32.51 -8.67 19.03
N HIS B 420 32.40 -9.90 19.52
CA HIS B 420 33.56 -10.62 20.02
C HIS B 420 34.56 -10.89 18.89
N ALA B 421 34.07 -11.29 17.72
CA ALA B 421 34.96 -11.51 16.58
C ALA B 421 35.63 -10.21 16.16
N LEU B 422 34.88 -9.11 16.17
CA LEU B 422 35.46 -7.82 15.82
C LEU B 422 36.55 -7.41 16.81
N THR B 423 36.31 -7.63 18.10
CA THR B 423 37.32 -7.33 19.11
C THR B 423 38.57 -8.20 18.92
N GLU B 424 38.38 -9.48 18.62
CA GLU B 424 39.52 -10.36 18.38
C GLU B 424 40.32 -9.88 17.16
N LYS B 425 39.64 -9.48 16.09
CA LYS B 425 40.36 -8.97 14.92
C LYS B 425 41.10 -7.68 15.25
N SER B 426 40.45 -6.79 16.00
CA SER B 426 41.08 -5.52 16.36
C SER B 426 42.34 -5.74 17.17
N LYS B 427 42.31 -6.69 18.12
CA LYS B 427 43.52 -7.02 18.85
C LYS B 427 44.47 -7.90 18.05
N ALA B 428 44.02 -8.45 16.92
CA ALA B 428 44.91 -9.26 16.08
C ALA B 428 45.78 -8.40 15.18
N MET B 429 45.16 -7.66 14.25
CA MET B 429 46.00 -6.83 13.38
C MET B 429 46.43 -5.53 14.06
N THR B 430 45.59 -4.94 14.91
CA THR B 430 45.91 -3.72 15.65
C THR B 430 46.30 -2.59 14.69
N GLY B 431 45.33 -2.18 13.89
CA GLY B 431 45.55 -1.12 12.93
C GLY B 431 45.70 0.24 13.59
N VAL B 432 46.04 1.23 12.76
CA VAL B 432 46.26 2.58 13.26
C VAL B 432 44.95 3.19 13.75
N GLU B 433 43.85 2.93 13.03
CA GLU B 433 42.54 3.50 13.33
C GLU B 433 41.66 2.53 14.11
N GLN B 434 42.24 1.77 15.03
CA GLN B 434 41.51 0.72 15.74
C GLN B 434 40.52 1.26 16.76
N TRP B 435 40.69 2.50 17.23
CA TRP B 435 39.80 3.01 18.27
C TRP B 435 38.35 3.13 17.79
N PRO B 436 38.03 3.73 16.64
CA PRO B 436 36.64 3.69 16.18
C PRO B 436 36.14 2.29 15.92
N TYR B 437 37.01 1.38 15.47
CA TYR B 437 36.61 0.00 15.25
C TYR B 437 36.12 -0.63 16.54
N ARG B 438 36.89 -0.49 17.63
CA ARG B 438 36.46 -1.01 18.92
C ARG B 438 35.22 -0.27 19.43
N ALA B 439 35.15 1.04 19.18
CA ALA B 439 33.98 1.80 19.61
C ALA B 439 32.71 1.22 19.02
N VAL B 440 32.73 0.94 17.72
CA VAL B 440 31.58 0.28 17.09
C VAL B 440 31.38 -1.11 17.67
N ALA B 441 32.48 -1.84 17.89
CA ALA B 441 32.39 -3.22 18.35
C ALA B 441 31.61 -3.33 19.66
N GLN B 442 31.97 -2.53 20.65
CA GLN B 442 31.22 -2.56 21.91
C GLN B 442 30.15 -1.47 22.02
N ALA B 443 29.81 -0.80 20.93
CA ALA B 443 28.59 -0.01 20.88
C ALA B 443 27.46 -0.72 20.15
N LEU B 444 27.75 -1.84 19.48
CA LEU B 444 26.74 -2.61 18.77
C LEU B 444 25.85 -3.43 19.70
N GLU B 445 26.15 -3.51 20.99
CA GLU B 445 25.52 -4.44 21.90
C GLU B 445 24.38 -3.80 22.70
N VAL B 446 23.62 -2.90 22.10
CA VAL B 446 22.59 -2.19 22.85
C VAL B 446 21.34 -3.05 23.05
N ILE B 447 21.06 -3.97 22.12
CA ILE B 447 19.80 -4.74 22.19
C ILE B 447 19.72 -5.61 23.45
N PRO B 448 20.74 -6.41 23.80
CA PRO B 448 20.63 -7.20 25.03
C PRO B 448 20.43 -6.37 26.28
N ARG B 449 21.04 -5.18 26.33
CA ARG B 449 20.83 -4.29 27.47
C ARG B 449 19.37 -3.87 27.56
N THR B 450 18.76 -3.52 26.43
CA THR B 450 17.35 -3.14 26.43
C THR B 450 16.46 -4.32 26.84
N LEU B 451 16.79 -5.52 26.36
CA LEU B 451 16.00 -6.69 26.74
C LEU B 451 16.10 -6.95 28.24
N ILE B 452 17.30 -6.84 28.81
CA ILE B 452 17.47 -7.06 30.24
C ILE B 452 16.72 -6.00 31.03
N GLN B 453 16.81 -4.74 30.60
CA GLN B 453 16.13 -3.67 31.30
C GLN B 453 14.62 -3.86 31.27
N ASN B 454 14.07 -4.28 30.13
CA ASN B 454 12.64 -4.55 30.05
C ASN B 454 12.24 -5.75 30.88
N CYS B 455 13.13 -6.75 30.98
CA CYS B 455 12.81 -7.93 31.80
C CYS B 455 12.65 -7.55 33.26
N GLY B 456 13.54 -6.71 33.78
CA GLY B 456 13.48 -6.25 35.15
C GLY B 456 14.60 -6.72 36.06
N ALA B 457 15.76 -7.08 35.53
CA ALA B 457 16.88 -7.57 36.31
C ALA B 457 18.05 -6.59 36.21
N SER B 458 19.16 -6.96 36.84
CA SER B 458 20.37 -6.13 36.82
C SER B 458 21.09 -6.30 35.48
N THR B 459 21.43 -5.18 34.85
CA THR B 459 22.06 -5.22 33.54
C THR B 459 23.53 -5.63 33.63
N ILE B 460 24.25 -5.14 34.63
CA ILE B 460 25.71 -5.30 34.66
C ILE B 460 26.08 -6.77 34.85
N ARG B 461 25.46 -7.43 35.83
CA ARG B 461 25.83 -8.81 36.13
C ARG B 461 25.46 -9.74 34.98
N LEU B 462 24.26 -9.57 34.42
CA LEU B 462 23.86 -10.41 33.29
C LEU B 462 24.73 -10.17 32.07
N LEU B 463 25.10 -8.92 31.80
CA LEU B 463 25.98 -8.62 30.68
C LEU B 463 27.36 -9.24 30.89
N THR B 464 27.89 -9.17 32.10
CA THR B 464 29.18 -9.78 32.39
C THR B 464 29.12 -11.29 32.23
N SER B 465 28.04 -11.91 32.70
CA SER B 465 27.89 -13.36 32.54
C SER B 465 27.81 -13.74 31.08
N LEU B 466 27.06 -12.97 30.27
CA LEU B 466 26.96 -13.24 28.85
C LEU B 466 28.31 -13.08 28.16
N ARG B 467 29.07 -12.04 28.53
CA ARG B 467 30.40 -11.86 27.96
C ARG B 467 31.31 -13.03 28.31
N ALA B 468 31.27 -13.48 29.56
CA ALA B 468 32.09 -14.62 29.95
C ALA B 468 31.71 -15.88 29.19
N LYS B 469 30.40 -16.13 29.04
CA LYS B 469 29.94 -17.30 28.30
C LYS B 469 30.36 -17.24 26.84
N HIS B 470 30.25 -16.06 26.23
CA HIS B 470 30.71 -15.91 24.86
C HIS B 470 32.23 -16.08 24.75
N THR B 471 32.96 -15.75 25.81
CA THR B 471 34.41 -15.88 25.79
C THR B 471 34.83 -17.34 25.90
N GLN B 472 34.19 -18.11 26.78
CA GLN B 472 34.60 -19.49 27.02
C GLN B 472 33.81 -20.52 26.22
N GLU B 473 32.49 -20.38 26.14
CA GLU B 473 31.66 -21.34 25.42
C GLU B 473 31.36 -20.92 23.99
N ASN B 474 31.73 -19.69 23.60
CA ASN B 474 31.60 -19.18 22.24
C ASN B 474 30.15 -18.91 21.86
N CYS B 475 29.22 -19.33 22.73
CA CYS B 475 27.79 -19.09 22.58
C CYS B 475 27.31 -19.29 21.14
N GLU B 476 27.48 -20.54 20.66
CA GLU B 476 26.98 -20.87 19.34
C GLU B 476 25.47 -20.72 19.27
N THR B 477 24.76 -21.12 20.33
CA THR B 477 23.31 -20.94 20.39
C THR B 477 22.84 -20.40 21.74
N TRP B 478 23.73 -20.19 22.70
CA TRP B 478 23.32 -19.64 24.00
C TRP B 478 22.98 -18.16 23.86
N GLY B 479 21.87 -17.76 24.46
CA GLY B 479 21.44 -16.38 24.40
C GLY B 479 20.75 -15.93 25.68
N VAL B 480 19.66 -15.19 25.54
CA VAL B 480 18.90 -14.67 26.68
C VAL B 480 17.43 -14.98 26.45
N ASN B 481 16.68 -15.05 27.55
CA ASN B 481 15.24 -15.30 27.52
C ASN B 481 14.51 -14.03 27.93
N GLY B 482 13.53 -13.62 27.12
CA GLY B 482 12.81 -12.39 27.38
C GLY B 482 11.68 -12.49 28.39
N GLU B 483 11.33 -13.70 28.80
CA GLU B 483 10.26 -13.91 29.77
C GLU B 483 10.75 -14.42 31.11
N THR B 484 11.99 -14.89 31.19
CA THR B 484 12.55 -15.41 32.44
C THR B 484 13.74 -14.60 32.93
N GLY B 485 14.60 -14.12 32.04
CA GLY B 485 15.77 -13.38 32.44
C GLY B 485 16.97 -14.23 32.81
N THR B 486 17.02 -15.47 32.35
CA THR B 486 18.12 -16.39 32.65
C THR B 486 18.80 -16.81 31.36
N LEU B 487 20.11 -17.01 31.44
CA LEU B 487 20.90 -17.42 30.27
C LEU B 487 20.62 -18.88 29.98
N VAL B 488 19.94 -19.15 28.88
CA VAL B 488 19.55 -20.50 28.48
C VAL B 488 19.93 -20.71 27.02
N ASP B 489 20.09 -21.99 26.67
CA ASP B 489 20.41 -22.36 25.30
C ASP B 489 19.15 -22.30 24.43
N MET B 490 19.30 -21.79 23.21
CA MET B 490 18.17 -21.63 22.31
C MET B 490 17.92 -22.85 21.43
N LYS B 491 18.80 -23.86 21.48
CA LYS B 491 18.56 -25.08 20.73
C LYS B 491 17.29 -25.77 21.20
N GLU B 492 17.09 -25.83 22.51
CA GLU B 492 15.88 -26.40 23.08
C GLU B 492 14.75 -25.38 23.22
N LEU B 493 15.02 -24.10 22.95
CA LEU B 493 14.01 -23.06 23.06
C LEU B 493 13.24 -22.86 21.76
N GLY B 494 13.95 -22.80 20.64
CA GLY B 494 13.31 -22.67 19.34
C GLY B 494 13.01 -21.25 18.92
N ILE B 495 14.03 -20.40 18.94
CA ILE B 495 13.91 -19.00 18.50
C ILE B 495 14.88 -18.80 17.35
N TRP B 496 14.36 -18.45 16.18
CA TRP B 496 15.17 -18.27 14.99
C TRP B 496 14.59 -17.15 14.14
N GLU B 497 15.43 -16.60 13.28
CA GLU B 497 15.06 -15.49 12.41
C GLU B 497 15.69 -15.71 11.05
N PRO B 498 15.10 -15.13 9.98
CA PRO B 498 15.71 -15.24 8.65
C PRO B 498 17.00 -14.45 8.54
N LEU B 499 17.60 -14.44 7.35
CA LEU B 499 18.91 -13.83 7.14
C LEU B 499 18.84 -12.49 6.42
N ALA B 500 17.85 -12.27 5.56
CA ALA B 500 17.78 -11.05 4.78
C ALA B 500 17.54 -9.83 5.67
N VAL B 501 16.69 -9.97 6.69
CA VAL B 501 16.28 -8.84 7.51
C VAL B 501 17.48 -8.24 8.25
N LYS B 502 18.31 -9.11 8.84
CA LYS B 502 19.47 -8.63 9.60
C LYS B 502 20.43 -7.87 8.69
N LEU B 503 20.72 -8.43 7.51
CA LEU B 503 21.63 -7.78 6.59
C LEU B 503 21.09 -6.43 6.13
N GLN B 504 19.79 -6.38 5.80
CA GLN B 504 19.20 -5.12 5.37
C GLN B 504 19.25 -4.08 6.49
N THR B 505 18.97 -4.49 7.73
CA THR B 505 19.01 -3.56 8.84
C THR B 505 20.41 -3.01 9.04
N TYR B 506 21.41 -3.90 9.08
CA TYR B 506 22.79 -3.45 9.31
C TYR B 506 23.25 -2.51 8.19
N LYS B 507 22.99 -2.89 6.94
CA LYS B 507 23.35 -2.02 5.83
C LYS B 507 22.68 -0.65 5.99
N THR B 508 21.35 -0.62 6.04
CA THR B 508 20.62 0.63 6.11
C THR B 508 21.15 1.54 7.21
N ALA B 509 21.47 0.95 8.38
CA ALA B 509 22.09 1.73 9.44
C ALA B 509 23.42 2.31 8.98
N VAL B 510 24.24 1.51 8.29
CA VAL B 510 25.56 1.98 7.88
C VAL B 510 25.43 3.15 6.91
N GLU B 511 24.61 3.02 5.86
CA GLU B 511 24.57 4.12 4.90
C GLU B 511 23.85 5.34 5.47
N THR B 512 22.86 5.16 6.35
CA THR B 512 22.25 6.36 6.92
C THR B 512 23.24 7.10 7.82
N ALA B 513 24.07 6.37 8.56
CA ALA B 513 25.11 7.02 9.36
C ALA B 513 26.11 7.75 8.48
N VAL B 514 26.56 7.11 7.39
CA VAL B 514 27.53 7.74 6.52
C VAL B 514 26.94 8.99 5.86
N LEU B 515 25.69 8.91 5.40
CA LEU B 515 25.05 10.06 4.78
C LEU B 515 24.88 11.20 5.77
N LEU B 516 24.49 10.90 7.02
CA LEU B 516 24.34 11.95 8.01
C LEU B 516 25.68 12.59 8.34
N LEU B 517 26.75 11.80 8.40
CA LEU B 517 28.07 12.35 8.69
C LEU B 517 28.65 13.12 7.51
N ARG B 518 28.22 12.83 6.28
CA ARG B 518 28.80 13.47 5.11
C ARG B 518 28.50 14.96 5.02
N ILE B 519 27.43 15.42 5.64
CA ILE B 519 27.07 16.84 5.60
C ILE B 519 28.09 17.68 6.35
#